data_1IV3
#
_entry.id   1IV3
#
_cell.length_a   106.179
_cell.length_b   106.179
_cell.length_c   148.811
_cell.angle_alpha   90.00
_cell.angle_beta   90.00
_cell.angle_gamma   90.00
#
_symmetry.space_group_name_H-M   'P 41 21 2'
#
loop_
_entity.id
_entity.type
_entity.pdbx_description
1 polymer '2-C-methyl-D-erythritol 2,4-cyclodiphosphate synthase'
2 non-polymer 'MAGNESIUM ION'
3 water water
#
_entity_poly.entity_id   1
_entity_poly.type   'polypeptide(L)'
_entity_poly.pdbx_seq_one_letter_code
;MRIGYGEDSHRLEEGRPLYLCGLLIPSPVGALAHSDGDAAMHALTDALLSAYGLGDIGLLFPDTDPRWRGERSEVFLREA
MRLVEARGAKLLQASLVLTLDRPKLGPHRKALVDSLSRLMRLPQDRIGLTFKTSEGLAPSHVQARAVVLLDG
;
_entity_poly.pdbx_strand_id   A,B,C,D,E,F
#
loop_
_chem_comp.id
_chem_comp.type
_chem_comp.name
_chem_comp.formula
MG non-polymer 'MAGNESIUM ION' 'Mg 2'
#
# COMPACT_ATOMS: atom_id res chain seq x y z
N ARG A 2 -32.15 -10.26 7.65
CA ARG A 2 -31.93 -9.81 9.03
C ARG A 2 -30.59 -9.12 9.21
N ILE A 3 -30.57 -8.22 10.18
CA ILE A 3 -29.33 -7.48 10.44
C ILE A 3 -29.02 -7.53 11.94
N GLY A 4 -27.75 -7.47 12.28
CA GLY A 4 -27.43 -7.44 13.70
C GLY A 4 -26.25 -6.49 13.93
N TYR A 5 -26.26 -5.78 15.07
CA TYR A 5 -25.19 -4.85 15.36
C TYR A 5 -24.62 -5.15 16.72
N GLY A 6 -23.31 -5.20 16.91
CA GLY A 6 -22.77 -5.39 18.25
C GLY A 6 -21.45 -4.64 18.39
N GLU A 7 -21.09 -4.47 19.66
CA GLU A 7 -19.94 -3.72 20.08
C GLU A 7 -19.25 -4.42 21.24
N ASP A 8 -17.96 -4.19 21.37
CA ASP A 8 -17.21 -4.62 22.54
C ASP A 8 -16.02 -3.70 22.73
N SER A 9 -15.62 -3.58 23.99
CA SER A 9 -14.38 -2.86 24.30
C SER A 9 -13.69 -3.53 25.49
N HIS A 10 -12.37 -3.40 25.55
CA HIS A 10 -11.62 -3.86 26.70
C HIS A 10 -10.46 -2.91 26.99
N ARG A 11 -10.23 -2.76 28.29
CA ARG A 11 -9.07 -2.04 28.76
C ARG A 11 -7.85 -2.85 28.31
N LEU A 12 -6.85 -2.10 27.87
CA LEU A 12 -5.64 -2.79 27.45
C LEU A 12 -4.56 -2.64 28.52
N GLU A 13 -3.86 -3.72 28.85
CA GLU A 13 -2.77 -3.50 29.82
C GLU A 13 -1.46 -4.14 29.36
N GLU A 14 -0.37 -3.50 29.78
CA GLU A 14 0.95 -3.97 29.43
C GLU A 14 1.22 -5.41 29.87
N GLY A 15 1.82 -6.15 28.95
CA GLY A 15 2.31 -7.49 29.11
C GLY A 15 1.24 -8.56 29.15
N ARG A 16 0.00 -8.26 28.81
CA ARG A 16 -1.01 -9.30 28.70
C ARG A 16 -1.12 -9.76 27.24
N PRO A 17 -1.44 -11.01 26.96
CA PRO A 17 -1.58 -11.45 25.56
C PRO A 17 -2.75 -10.74 24.89
N LEU A 18 -2.57 -10.47 23.60
CA LEU A 18 -3.64 -9.83 22.85
C LEU A 18 -4.28 -10.84 21.90
N TYR A 19 -5.59 -11.02 22.02
CA TYR A 19 -6.32 -11.91 21.12
C TYR A 19 -7.31 -11.13 20.27
N LEU A 20 -7.30 -11.36 18.96
CA LEU A 20 -8.24 -10.65 18.10
C LEU A 20 -8.64 -11.57 16.94
N CYS A 21 -9.95 -11.64 16.71
CA CYS A 21 -10.41 -12.48 15.63
C CYS A 21 -10.02 -13.95 15.81
N GLY A 22 -9.80 -14.36 17.04
CA GLY A 22 -9.51 -15.74 17.38
C GLY A 22 -8.03 -16.02 17.39
N LEU A 23 -7.19 -15.04 17.04
CA LEU A 23 -5.75 -15.28 17.03
C LEU A 23 -4.97 -14.53 18.11
N LEU A 24 -3.84 -15.14 18.49
CA LEU A 24 -2.84 -14.45 19.30
C LEU A 24 -2.11 -13.38 18.49
N ILE A 25 -2.13 -12.13 18.93
CA ILE A 25 -1.41 -11.10 18.21
C ILE A 25 -0.23 -10.54 19.02
N PRO A 26 0.96 -10.69 18.45
CA PRO A 26 2.17 -10.20 19.15
C PRO A 26 1.99 -8.71 19.47
N SER A 27 2.16 -8.35 20.75
CA SER A 27 1.79 -7.04 21.23
C SER A 27 2.38 -6.70 22.59
N PRO A 28 2.69 -5.43 22.82
CA PRO A 28 3.13 -4.97 24.13
C PRO A 28 1.96 -4.85 25.11
N VAL A 29 0.72 -4.98 24.65
CA VAL A 29 -0.47 -4.74 25.46
C VAL A 29 -1.57 -5.73 25.11
N GLY A 30 -2.39 -6.11 26.09
CA GLY A 30 -3.41 -7.11 25.81
C GLY A 30 -4.60 -6.84 26.71
N ALA A 31 -5.70 -7.56 26.50
CA ALA A 31 -6.83 -7.16 27.35
C ALA A 31 -6.59 -7.67 28.77
N LEU A 32 -6.99 -6.81 29.69
CA LEU A 32 -7.09 -7.11 31.11
C LEU A 32 -8.53 -7.55 31.33
N ALA A 33 -8.74 -8.81 31.72
CA ALA A 33 -10.12 -9.25 31.81
C ALA A 33 -10.26 -10.70 32.27
N HIS A 34 -11.54 -11.10 32.28
CA HIS A 34 -11.93 -12.44 32.69
C HIS A 34 -12.01 -13.37 31.49
N SER A 35 -12.29 -12.84 30.31
CA SER A 35 -12.27 -13.63 29.08
C SER A 35 -10.88 -13.53 28.46
N ASP A 36 -10.77 -13.91 27.19
CA ASP A 36 -9.57 -13.59 26.42
C ASP A 36 -9.63 -12.14 25.96
N GLY A 37 -10.77 -11.49 26.25
CA GLY A 37 -10.91 -10.12 25.83
C GLY A 37 -10.85 -9.86 24.34
N ASP A 38 -11.16 -10.86 23.52
CA ASP A 38 -11.16 -10.70 22.08
C ASP A 38 -12.39 -9.90 21.61
N ALA A 39 -12.18 -8.60 21.43
CA ALA A 39 -13.27 -7.67 21.16
C ALA A 39 -13.96 -7.96 19.84
N ALA A 40 -13.21 -8.41 18.83
CA ALA A 40 -13.74 -8.79 17.53
C ALA A 40 -14.74 -9.92 17.69
N MET A 41 -14.26 -11.00 18.33
CA MET A 41 -15.15 -12.13 18.57
C MET A 41 -16.38 -11.69 19.36
N HIS A 42 -16.20 -10.88 20.40
CA HIS A 42 -17.37 -10.53 21.22
C HIS A 42 -18.39 -9.69 20.45
N ALA A 43 -17.87 -8.73 19.70
CA ALA A 43 -18.82 -7.88 18.95
C ALA A 43 -19.54 -8.66 17.87
N LEU A 44 -18.85 -9.57 17.19
CA LEU A 44 -19.50 -10.42 16.18
C LEU A 44 -20.55 -11.31 16.82
N THR A 45 -20.21 -11.84 18.00
CA THR A 45 -21.15 -12.76 18.67
C THR A 45 -22.43 -12.02 19.09
N ASP A 46 -22.22 -10.85 19.71
CA ASP A 46 -23.39 -10.03 20.06
C ASP A 46 -24.20 -9.67 18.82
N ALA A 47 -23.56 -9.32 17.71
CA ALA A 47 -24.29 -8.95 16.50
C ALA A 47 -25.15 -10.10 16.00
N LEU A 48 -24.58 -11.32 16.00
CA LEU A 48 -25.34 -12.51 15.60
C LEU A 48 -26.53 -12.74 16.51
N LEU A 49 -26.28 -12.70 17.82
CA LEU A 49 -27.37 -12.92 18.77
C LEU A 49 -28.46 -11.88 18.56
N SER A 50 -28.00 -10.64 18.42
CA SER A 50 -28.88 -9.49 18.22
C SER A 50 -29.79 -9.67 17.00
N ALA A 51 -29.26 -10.26 15.94
CA ALA A 51 -30.04 -10.44 14.71
C ALA A 51 -31.28 -11.30 14.95
N TYR A 52 -31.32 -12.07 16.03
CA TYR A 52 -32.50 -12.86 16.35
C TYR A 52 -33.08 -12.53 17.70
N GLY A 53 -32.65 -11.42 18.32
CA GLY A 53 -33.23 -11.03 19.59
C GLY A 53 -32.86 -11.97 20.72
N LEU A 54 -31.78 -12.74 20.61
CA LEU A 54 -31.49 -13.81 21.56
C LEU A 54 -30.85 -13.34 22.84
N GLY A 55 -30.39 -12.09 22.86
CA GLY A 55 -29.80 -11.58 24.10
C GLY A 55 -28.41 -11.05 23.78
N ASP A 56 -27.45 -11.32 24.63
CA ASP A 56 -26.06 -10.88 24.37
C ASP A 56 -25.14 -11.83 25.10
N ILE A 57 -23.84 -11.61 24.98
CA ILE A 57 -22.91 -12.56 25.60
C ILE A 57 -22.93 -12.50 27.11
N GLY A 58 -23.33 -11.35 27.68
CA GLY A 58 -23.43 -11.25 29.13
C GLY A 58 -24.52 -12.20 29.61
N LEU A 59 -25.59 -12.34 28.84
CA LEU A 59 -26.70 -13.20 29.21
C LEU A 59 -26.39 -14.67 28.97
N LEU A 60 -25.87 -14.97 27.76
CA LEU A 60 -25.78 -16.36 27.36
C LEU A 60 -24.48 -17.01 27.79
N PHE A 61 -23.43 -16.21 28.00
CA PHE A 61 -22.13 -16.80 28.30
C PHE A 61 -21.51 -16.21 29.54
N PRO A 62 -22.24 -16.20 30.66
CA PRO A 62 -21.72 -15.54 31.86
C PRO A 62 -20.70 -16.44 32.53
N ASP A 63 -19.75 -15.84 33.25
CA ASP A 63 -18.70 -16.69 33.82
C ASP A 63 -19.20 -17.44 35.05
N THR A 64 -20.45 -17.22 35.42
CA THR A 64 -21.07 -18.05 36.45
C THR A 64 -21.43 -19.40 35.86
N ASP A 65 -21.43 -19.51 34.52
CA ASP A 65 -21.84 -20.78 33.93
C ASP A 65 -20.63 -21.65 33.63
N PRO A 66 -20.48 -22.80 34.28
CA PRO A 66 -19.25 -23.58 34.12
C PRO A 66 -19.00 -24.00 32.68
N ARG A 67 -20.06 -24.09 31.87
CA ARG A 67 -19.90 -24.46 30.46
C ARG A 67 -19.05 -23.44 29.72
N TRP A 68 -19.09 -22.19 30.18
CA TRP A 68 -18.49 -21.12 29.38
C TRP A 68 -17.30 -20.45 30.04
N ARG A 69 -17.20 -20.53 31.36
CA ARG A 69 -16.08 -19.84 32.03
C ARG A 69 -14.76 -20.37 31.48
N GLY A 70 -13.78 -19.50 31.22
CA GLY A 70 -12.50 -19.99 30.77
C GLY A 70 -12.42 -20.41 29.32
N GLU A 71 -13.53 -20.50 28.58
CA GLU A 71 -13.52 -20.88 27.18
C GLU A 71 -12.96 -19.77 26.28
N ARG A 72 -12.29 -20.11 25.18
CA ARG A 72 -11.94 -19.15 24.15
C ARG A 72 -13.18 -18.48 23.57
N SER A 73 -13.09 -17.22 23.19
CA SER A 73 -14.26 -16.52 22.65
C SER A 73 -14.82 -17.13 21.36
N GLU A 74 -13.98 -17.83 20.58
CA GLU A 74 -14.51 -18.51 19.39
C GLU A 74 -15.59 -19.52 19.75
N VAL A 75 -15.53 -20.11 20.95
CA VAL A 75 -16.56 -21.06 21.35
C VAL A 75 -17.92 -20.40 21.51
N PHE A 76 -17.91 -19.16 21.96
CA PHE A 76 -19.13 -18.38 22.08
C PHE A 76 -19.65 -18.04 20.69
N LEU A 77 -18.74 -17.63 19.80
CA LEU A 77 -19.17 -17.26 18.46
C LEU A 77 -19.84 -18.44 17.77
N ARG A 78 -19.20 -19.61 17.87
CA ARG A 78 -19.78 -20.81 17.27
C ARG A 78 -21.11 -21.19 17.90
N GLU A 79 -21.27 -21.01 19.20
CA GLU A 79 -22.59 -21.32 19.78
C GLU A 79 -23.65 -20.37 19.24
N ALA A 80 -23.28 -19.08 19.12
CA ALA A 80 -24.27 -18.15 18.55
C ALA A 80 -24.61 -18.56 17.14
N MET A 81 -23.61 -19.00 16.39
CA MET A 81 -23.89 -19.44 15.02
C MET A 81 -24.87 -20.61 15.09
N ARG A 82 -24.67 -21.49 16.07
CA ARG A 82 -25.54 -22.68 16.13
C ARG A 82 -26.98 -22.28 16.41
N LEU A 83 -27.16 -21.36 17.36
CA LEU A 83 -28.48 -20.88 17.74
C LEU A 83 -29.17 -20.16 16.60
N VAL A 84 -28.49 -19.28 15.84
CA VAL A 84 -29.28 -18.66 14.76
C VAL A 84 -29.53 -19.63 13.62
N GLU A 85 -28.59 -20.56 13.35
CA GLU A 85 -28.77 -21.51 12.25
C GLU A 85 -29.96 -22.39 12.57
N ALA A 86 -30.09 -22.70 13.86
CA ALA A 86 -31.26 -23.51 14.21
C ALA A 86 -32.56 -22.79 13.97
N ARG A 87 -32.49 -21.46 13.89
CA ARG A 87 -33.70 -20.67 13.67
C ARG A 87 -33.86 -20.28 12.20
N GLY A 88 -33.11 -20.94 11.33
CA GLY A 88 -33.19 -20.81 9.90
C GLY A 88 -32.24 -19.81 9.30
N ALA A 89 -31.34 -19.19 10.06
CA ALA A 89 -30.49 -18.16 9.46
C ALA A 89 -29.41 -18.72 8.57
N LYS A 90 -29.06 -17.96 7.53
CA LYS A 90 -27.90 -18.20 6.70
C LYS A 90 -27.03 -16.93 6.78
N LEU A 91 -25.94 -17.00 7.53
CA LEU A 91 -25.07 -15.82 7.56
C LEU A 91 -24.59 -15.48 6.16
N LEU A 92 -24.63 -14.21 5.79
CA LEU A 92 -24.19 -13.74 4.49
C LEU A 92 -22.94 -12.87 4.53
N GLN A 93 -22.85 -12.01 5.57
CA GLN A 93 -21.75 -11.06 5.56
C GLN A 93 -21.42 -10.56 6.94
N ALA A 94 -20.15 -10.24 7.21
CA ALA A 94 -19.81 -9.56 8.48
C ALA A 94 -18.88 -8.39 8.15
N SER A 95 -19.16 -7.22 8.72
CA SER A 95 -18.35 -6.04 8.46
C SER A 95 -18.02 -5.42 9.81
N LEU A 96 -16.74 -5.28 10.13
CA LEU A 96 -16.46 -4.74 11.46
C LEU A 96 -15.22 -3.88 11.47
N VAL A 97 -15.18 -3.02 12.50
CA VAL A 97 -14.04 -2.13 12.69
C VAL A 97 -13.40 -2.42 14.04
N LEU A 98 -12.08 -2.57 14.00
CA LEU A 98 -11.27 -2.67 15.19
C LEU A 98 -10.48 -1.37 15.37
N THR A 99 -10.59 -0.84 16.59
CA THR A 99 -9.92 0.41 16.92
C THR A 99 -9.00 0.21 18.10
N LEU A 100 -7.73 0.57 17.92
CA LEU A 100 -6.74 0.51 19.00
C LEU A 100 -5.48 1.26 18.54
N ASP A 101 -4.79 1.88 19.48
CA ASP A 101 -3.64 2.70 19.09
C ASP A 101 -2.39 1.87 18.87
N ARG A 102 -2.29 0.69 19.49
CA ARG A 102 -1.16 -0.21 19.25
C ARG A 102 -1.61 -1.60 19.64
N PRO A 103 -1.08 -2.66 19.07
CA PRO A 103 -0.06 -2.68 18.02
C PRO A 103 -0.68 -2.44 16.65
N LYS A 104 0.14 -2.21 15.63
CA LYS A 104 -0.36 -2.13 14.26
C LYS A 104 -0.97 -3.48 13.84
N LEU A 105 -2.16 -3.43 13.25
CA LEU A 105 -2.80 -4.67 12.83
C LEU A 105 -2.55 -5.01 11.38
N GLY A 106 -2.12 -4.00 10.61
CA GLY A 106 -1.80 -4.19 9.20
C GLY A 106 -1.06 -5.46 8.83
N PRO A 107 0.07 -5.71 9.50
CA PRO A 107 0.87 -6.90 9.15
C PRO A 107 0.13 -8.20 9.39
N HIS A 108 -0.99 -8.16 10.12
CA HIS A 108 -1.75 -9.37 10.44
C HIS A 108 -3.05 -9.50 9.69
N ARG A 109 -3.26 -8.61 8.73
CA ARG A 109 -4.54 -8.53 8.03
C ARG A 109 -4.93 -9.85 7.42
N LYS A 110 -3.98 -10.47 6.70
CA LYS A 110 -4.35 -11.71 6.01
C LYS A 110 -4.78 -12.77 7.02
N ALA A 111 -3.96 -12.95 8.06
CA ALA A 111 -4.27 -13.97 9.06
C ALA A 111 -5.61 -13.68 9.74
N LEU A 112 -5.86 -12.42 10.11
CA LEU A 112 -7.12 -12.07 10.80
C LEU A 112 -8.34 -12.33 9.93
N VAL A 113 -8.25 -11.85 8.70
CA VAL A 113 -9.35 -12.10 7.77
C VAL A 113 -9.54 -13.59 7.48
N ASP A 114 -8.43 -14.30 7.32
CA ASP A 114 -8.56 -15.74 7.07
C ASP A 114 -9.26 -16.42 8.25
N SER A 115 -8.94 -15.97 9.46
CA SER A 115 -9.52 -16.62 10.65
C SER A 115 -11.01 -16.35 10.67
N LEU A 116 -11.39 -15.08 10.43
CA LEU A 116 -12.84 -14.80 10.43
C LEU A 116 -13.57 -15.60 9.35
N SER A 117 -12.95 -15.71 8.18
CA SER A 117 -13.54 -16.45 7.08
C SER A 117 -13.80 -17.90 7.43
N ARG A 118 -12.80 -18.50 8.09
CA ARG A 118 -12.85 -19.92 8.48
C ARG A 118 -13.89 -20.13 9.57
N LEU A 119 -13.85 -19.25 10.56
CA LEU A 119 -14.75 -19.37 11.71
C LEU A 119 -16.20 -19.18 11.34
N MET A 120 -16.48 -18.22 10.46
CA MET A 120 -17.87 -17.87 10.14
C MET A 120 -18.29 -18.54 8.84
N ARG A 121 -17.35 -19.28 8.24
CA ARG A 121 -17.59 -19.97 6.99
C ARG A 121 -18.12 -19.01 5.93
N LEU A 122 -17.42 -17.87 5.80
CA LEU A 122 -17.85 -16.92 4.78
C LEU A 122 -16.71 -16.72 3.79
N PRO A 123 -17.02 -16.42 2.54
CA PRO A 123 -15.93 -16.17 1.59
C PRO A 123 -15.20 -14.90 1.98
N GLN A 124 -13.97 -14.71 1.53
CA GLN A 124 -13.17 -13.56 1.95
C GLN A 124 -13.78 -12.22 1.55
N ASP A 125 -14.50 -12.15 0.44
CA ASP A 125 -15.08 -10.86 0.05
C ASP A 125 -16.32 -10.48 0.85
N ARG A 126 -16.79 -11.39 1.70
CA ARG A 126 -17.90 -11.13 2.59
C ARG A 126 -17.40 -10.93 4.01
N ILE A 127 -16.07 -10.84 4.18
CA ILE A 127 -15.49 -10.47 5.48
C ILE A 127 -14.96 -9.04 5.34
N GLY A 128 -15.62 -8.07 5.98
CA GLY A 128 -15.16 -6.70 5.83
C GLY A 128 -14.49 -6.23 7.12
N LEU A 129 -13.19 -6.38 7.21
CA LEU A 129 -12.45 -6.03 8.41
C LEU A 129 -11.67 -4.75 8.16
N THR A 130 -11.87 -3.68 8.93
CA THR A 130 -11.03 -2.49 8.76
C THR A 130 -10.41 -2.14 10.12
N PHE A 131 -9.28 -1.43 10.09
CA PHE A 131 -8.49 -1.12 11.28
C PHE A 131 -8.35 0.38 11.45
N LYS A 132 -8.47 0.84 12.68
CA LYS A 132 -8.32 2.24 13.01
C LYS A 132 -7.54 2.36 14.32
N THR A 133 -6.96 3.55 14.49
CA THR A 133 -6.46 3.93 15.80
C THR A 133 -7.43 4.96 16.38
N SER A 134 -7.33 5.25 17.67
CA SER A 134 -8.30 6.14 18.30
C SER A 134 -7.88 7.61 18.17
N GLU A 135 -6.72 7.83 17.57
CA GLU A 135 -6.19 9.19 17.53
C GLU A 135 -6.13 9.75 18.95
N GLY A 136 -5.81 8.89 19.92
CA GLY A 136 -5.69 9.35 21.28
C GLY A 136 -6.98 9.54 22.01
N LEU A 137 -8.09 9.23 21.33
CA LEU A 137 -9.38 9.31 22.02
C LEU A 137 -9.46 8.27 23.13
N ALA A 138 -8.97 7.07 22.85
CA ALA A 138 -9.04 5.91 23.74
C ALA A 138 -7.75 5.11 23.62
N PRO A 139 -6.64 5.64 24.11
CA PRO A 139 -5.33 5.03 23.86
C PRO A 139 -5.06 3.77 24.65
N SER A 140 -5.97 3.45 25.56
CA SER A 140 -5.71 2.26 26.36
C SER A 140 -6.85 1.25 26.26
N HIS A 141 -7.64 1.29 25.18
CA HIS A 141 -8.66 0.27 24.97
C HIS A 141 -8.56 -0.28 23.55
N VAL A 142 -9.03 -1.51 23.40
CA VAL A 142 -9.33 -2.05 22.07
C VAL A 142 -10.83 -1.95 21.89
N GLN A 143 -11.32 -1.44 20.75
CA GLN A 143 -12.76 -1.37 20.57
C GLN A 143 -13.15 -2.14 19.30
N ALA A 144 -14.31 -2.78 19.28
CA ALA A 144 -14.77 -3.40 18.05
C ALA A 144 -16.24 -3.02 17.87
N ARG A 145 -16.64 -2.76 16.63
CA ARG A 145 -18.07 -2.63 16.32
C ARG A 145 -18.32 -3.41 15.04
N ALA A 146 -19.44 -4.17 15.03
CA ALA A 146 -19.69 -5.11 13.96
C ALA A 146 -21.15 -5.07 13.48
N VAL A 147 -21.34 -5.21 12.18
CA VAL A 147 -22.69 -5.43 11.62
C VAL A 147 -22.68 -6.78 10.92
N VAL A 148 -23.72 -7.58 11.11
CA VAL A 148 -23.80 -8.82 10.34
C VAL A 148 -25.08 -8.78 9.52
N LEU A 149 -25.03 -9.50 8.40
CA LEU A 149 -26.20 -9.58 7.52
C LEU A 149 -26.51 -11.05 7.30
N LEU A 150 -27.78 -11.41 7.40
CA LEU A 150 -28.16 -12.80 7.28
C LEU A 150 -29.39 -12.98 6.38
N ASP A 151 -29.34 -14.03 5.58
CA ASP A 151 -30.32 -14.49 4.61
C ASP A 151 -30.15 -13.88 3.24
N ARG B 2 -25.27 -6.32 -0.14
CA ARG B 2 -24.04 -6.18 0.64
C ARG B 2 -24.16 -4.94 1.55
N ILE B 3 -23.48 -5.14 2.68
CA ILE B 3 -23.44 -4.08 3.68
C ILE B 3 -21.97 -3.81 4.00
N GLY B 4 -21.67 -2.57 4.34
CA GLY B 4 -20.34 -2.24 4.82
C GLY B 4 -20.48 -1.24 5.97
N TYR B 5 -19.52 -1.28 6.88
CA TYR B 5 -19.49 -0.46 8.08
C TYR B 5 -18.12 0.18 8.21
N GLY B 6 -18.03 1.49 8.40
CA GLY B 6 -16.74 2.16 8.49
C GLY B 6 -16.75 3.20 9.61
N GLU B 7 -15.57 3.47 10.18
CA GLU B 7 -15.48 4.49 11.22
C GLU B 7 -14.23 5.36 10.98
N ASP B 8 -14.31 6.58 11.48
CA ASP B 8 -13.09 7.39 11.50
C ASP B 8 -13.23 8.42 12.62
N SER B 9 -12.08 8.82 13.14
CA SER B 9 -12.08 9.93 14.08
C SER B 9 -10.77 10.69 13.95
N HIS B 10 -10.83 11.98 14.25
CA HIS B 10 -9.64 12.81 14.23
C HIS B 10 -9.65 13.83 15.36
N ARG B 11 -8.44 14.09 15.83
CA ARG B 11 -8.22 15.12 16.83
C ARG B 11 -8.52 16.46 16.15
N LEU B 12 -9.23 17.32 16.89
CA LEU B 12 -9.53 18.64 16.39
C LEU B 12 -8.53 19.59 17.04
N GLU B 13 -8.05 20.56 16.26
CA GLU B 13 -7.16 21.55 16.86
C GLU B 13 -7.69 22.94 16.53
N GLU B 14 -7.61 23.88 17.45
CA GLU B 14 -8.06 25.23 17.13
C GLU B 14 -7.27 25.85 15.97
N GLY B 15 -7.96 26.63 15.12
CA GLY B 15 -7.35 27.35 14.04
C GLY B 15 -6.97 26.54 12.84
N ARG B 16 -7.25 25.23 12.74
CA ARG B 16 -7.00 24.49 11.51
C ARG B 16 -8.31 24.39 10.74
N PRO B 17 -8.25 24.28 9.42
CA PRO B 17 -9.51 24.18 8.66
C PRO B 17 -10.23 22.84 8.95
N LEU B 18 -11.55 22.90 8.93
CA LEU B 18 -12.38 21.73 9.11
C LEU B 18 -12.97 21.28 7.77
N TYR B 19 -12.74 20.02 7.43
CA TYR B 19 -13.31 19.43 6.24
C TYR B 19 -14.31 18.35 6.60
N LEU B 20 -15.55 18.45 6.09
CA LEU B 20 -16.49 17.35 6.29
C LEU B 20 -17.35 17.15 5.05
N CYS B 21 -17.53 15.87 4.69
CA CYS B 21 -18.33 15.53 3.51
C CYS B 21 -17.78 16.21 2.28
N GLY B 22 -16.50 16.52 2.25
CA GLY B 22 -15.94 17.06 1.02
C GLY B 22 -15.89 18.58 1.06
N LEU B 23 -16.50 19.21 2.05
CA LEU B 23 -16.61 20.64 2.14
C LEU B 23 -15.74 21.26 3.24
N LEU B 24 -15.28 22.49 2.97
CA LEU B 24 -14.72 23.39 3.98
C LEU B 24 -15.85 24.01 4.79
N ILE B 25 -15.82 23.78 6.09
CA ILE B 25 -16.85 24.23 7.04
C ILE B 25 -16.23 25.27 7.95
N PRO B 26 -16.71 26.51 7.92
CA PRO B 26 -16.14 27.56 8.80
C PRO B 26 -16.18 27.06 10.25
N SER B 27 -15.10 27.20 10.99
CA SER B 27 -14.99 26.53 12.29
C SER B 27 -13.83 27.08 13.09
N PRO B 28 -13.94 27.02 14.41
CA PRO B 28 -12.82 27.41 15.27
C PRO B 28 -11.79 26.29 15.38
N VAL B 29 -12.18 25.09 14.93
CA VAL B 29 -11.34 23.92 15.11
C VAL B 29 -11.34 23.08 13.84
N GLY B 30 -10.27 22.34 13.64
CA GLY B 30 -10.10 21.57 12.40
C GLY B 30 -9.21 20.37 12.64
N ALA B 31 -9.24 19.39 11.73
CA ALA B 31 -8.47 18.20 12.11
C ALA B 31 -6.97 18.50 12.09
N LEU B 32 -6.34 17.98 13.14
CA LEU B 32 -4.89 17.89 13.14
C LEU B 32 -4.59 16.56 12.45
N ALA B 33 -4.05 16.61 11.23
CA ALA B 33 -3.84 15.37 10.50
C ALA B 33 -2.85 15.55 9.35
N HIS B 34 -2.35 14.40 8.87
CA HIS B 34 -1.51 14.45 7.68
C HIS B 34 -2.41 14.40 6.45
N SER B 35 -3.61 13.83 6.61
CA SER B 35 -4.69 13.96 5.64
C SER B 35 -5.50 15.24 5.95
N ASP B 36 -6.55 15.49 5.17
CA ASP B 36 -7.47 16.59 5.41
C ASP B 36 -8.35 16.28 6.61
N GLY B 37 -8.26 15.05 7.13
CA GLY B 37 -9.03 14.73 8.33
C GLY B 37 -10.53 14.70 8.15
N ASP B 38 -11.04 14.54 6.94
CA ASP B 38 -12.49 14.53 6.71
C ASP B 38 -13.06 13.18 7.17
N ALA B 39 -13.53 13.15 8.41
CA ALA B 39 -13.96 11.89 9.01
C ALA B 39 -15.11 11.27 8.24
N ALA B 40 -15.96 12.13 7.68
CA ALA B 40 -17.11 11.63 6.92
C ALA B 40 -16.60 10.85 5.70
N MET B 41 -15.74 11.48 4.93
CA MET B 41 -15.20 10.82 3.74
C MET B 41 -14.49 9.52 4.12
N HIS B 42 -13.69 9.55 5.17
CA HIS B 42 -12.91 8.37 5.53
C HIS B 42 -13.81 7.22 5.96
N ALA B 43 -14.80 7.53 6.80
CA ALA B 43 -15.72 6.48 7.25
C ALA B 43 -16.46 5.85 6.08
N LEU B 44 -16.93 6.68 5.15
CA LEU B 44 -17.69 6.18 4.01
C LEU B 44 -16.81 5.33 3.10
N THR B 45 -15.55 5.81 2.97
CA THR B 45 -14.61 5.08 2.10
C THR B 45 -14.34 3.70 2.66
N ASP B 46 -14.00 3.64 3.95
CA ASP B 46 -13.83 2.34 4.62
C ASP B 46 -15.08 1.48 4.53
N ALA B 47 -16.29 2.00 4.72
CA ALA B 47 -17.48 1.16 4.58
C ALA B 47 -17.63 0.57 3.21
N LEU B 48 -17.35 1.38 2.18
CA LEU B 48 -17.44 0.86 0.81
C LEU B 48 -16.43 -0.26 0.58
N LEU B 49 -15.18 0.01 1.00
CA LEU B 49 -14.15 -1.03 0.86
C LEU B 49 -14.55 -2.28 1.62
N SER B 50 -15.09 -2.08 2.81
CA SER B 50 -15.40 -3.21 3.68
C SER B 50 -16.45 -4.13 3.10
N ALA B 51 -17.40 -3.51 2.37
CA ALA B 51 -18.51 -4.26 1.79
C ALA B 51 -18.06 -5.28 0.73
N TYR B 52 -16.83 -5.09 0.25
CA TYR B 52 -16.27 -6.09 -0.68
C TYR B 52 -15.00 -6.67 -0.09
N GLY B 53 -14.71 -6.39 1.17
CA GLY B 53 -13.55 -7.03 1.82
C GLY B 53 -12.24 -6.59 1.20
N LEU B 54 -12.21 -5.39 0.65
CA LEU B 54 -11.01 -4.95 -0.08
C LEU B 54 -9.93 -4.40 0.82
N GLY B 55 -10.18 -4.26 2.13
CA GLY B 55 -9.19 -3.67 3.03
C GLY B 55 -9.73 -2.40 3.67
N ASP B 56 -8.88 -1.40 3.87
CA ASP B 56 -9.32 -0.12 4.41
C ASP B 56 -8.39 0.96 3.88
N ILE B 57 -8.66 2.19 4.27
CA ILE B 57 -7.88 3.31 3.68
C ILE B 57 -6.43 3.33 4.13
N GLY B 58 -6.14 2.72 5.28
CA GLY B 58 -4.78 2.57 5.76
C GLY B 58 -4.00 1.68 4.79
N LEU B 59 -4.68 0.66 4.28
CA LEU B 59 -4.06 -0.25 3.32
C LEU B 59 -3.95 0.34 1.91
N LEU B 60 -5.03 0.95 1.43
CA LEU B 60 -5.11 1.31 0.01
C LEU B 60 -4.56 2.71 -0.25
N PHE B 61 -4.64 3.59 0.75
CA PHE B 61 -4.21 4.96 0.51
C PHE B 61 -3.17 5.45 1.50
N PRO B 62 -2.07 4.75 1.67
CA PRO B 62 -1.08 5.14 2.70
C PRO B 62 -0.33 6.38 2.23
N ASP B 63 0.22 7.13 3.16
CA ASP B 63 0.89 8.39 2.93
C ASP B 63 2.26 8.20 2.27
N THR B 64 2.61 6.94 2.07
CA THR B 64 3.80 6.43 1.42
C THR B 64 3.60 6.37 -0.09
N ASP B 65 2.34 6.16 -0.48
CA ASP B 65 1.95 6.07 -1.88
C ASP B 65 1.70 7.45 -2.47
N PRO B 66 2.61 7.84 -3.37
CA PRO B 66 2.59 9.17 -3.98
C PRO B 66 1.27 9.56 -4.63
N ARG B 67 0.52 8.60 -5.18
CA ARG B 67 -0.72 8.95 -5.87
C ARG B 67 -1.75 9.56 -4.93
N TRP B 68 -1.65 9.20 -3.65
CA TRP B 68 -2.55 9.55 -2.58
C TRP B 68 -2.04 10.59 -1.59
N ARG B 69 -0.73 10.78 -1.48
CA ARG B 69 -0.20 11.68 -0.45
C ARG B 69 -0.54 13.15 -0.71
N GLY B 70 -1.27 13.79 0.21
CA GLY B 70 -1.66 15.18 0.02
C GLY B 70 -2.97 15.39 -0.69
N GLU B 71 -3.57 14.30 -1.18
CA GLU B 71 -4.80 14.45 -1.97
C GLU B 71 -5.99 14.70 -1.05
N ARG B 72 -7.06 15.36 -1.54
CA ARG B 72 -8.21 15.45 -0.63
C ARG B 72 -8.96 14.11 -0.60
N SER B 73 -9.69 13.95 0.51
CA SER B 73 -10.22 12.61 0.82
C SER B 73 -11.27 12.17 -0.17
N GLU B 74 -11.86 13.14 -0.87
CA GLU B 74 -12.81 12.76 -1.91
C GLU B 74 -12.16 11.90 -2.98
N VAL B 75 -10.84 12.07 -3.14
CA VAL B 75 -10.14 11.28 -4.16
C VAL B 75 -10.17 9.82 -3.72
N PHE B 76 -9.97 9.57 -2.43
CA PHE B 76 -10.02 8.17 -1.99
C PHE B 76 -11.41 7.56 -2.06
N LEU B 77 -12.45 8.35 -1.77
CA LEU B 77 -13.82 7.86 -1.90
C LEU B 77 -14.13 7.49 -3.35
N ARG B 78 -13.76 8.35 -4.31
CA ARG B 78 -14.02 8.03 -5.71
C ARG B 78 -13.24 6.81 -6.15
N GLU B 79 -12.04 6.64 -5.57
CA GLU B 79 -11.32 5.41 -5.95
C GLU B 79 -12.02 4.19 -5.36
N ALA B 80 -12.49 4.27 -4.12
CA ALA B 80 -13.18 3.12 -3.56
C ALA B 80 -14.44 2.82 -4.38
N MET B 81 -15.15 3.89 -4.78
CA MET B 81 -16.32 3.69 -5.64
C MET B 81 -15.90 3.01 -6.96
N ARG B 82 -14.78 3.42 -7.56
CA ARG B 82 -14.33 2.78 -8.79
C ARG B 82 -14.07 1.30 -8.58
N LEU B 83 -13.40 0.97 -7.47
CA LEU B 83 -13.08 -0.44 -7.19
C LEU B 83 -14.30 -1.30 -6.96
N VAL B 84 -15.27 -0.77 -6.19
CA VAL B 84 -16.40 -1.64 -5.92
C VAL B 84 -17.28 -1.66 -7.18
N GLU B 85 -17.32 -0.58 -7.96
CA GLU B 85 -18.15 -0.63 -9.17
C GLU B 85 -17.58 -1.65 -10.14
N ALA B 86 -16.26 -1.80 -10.13
CA ALA B 86 -15.68 -2.76 -11.08
C ALA B 86 -15.97 -4.20 -10.68
N ARG B 87 -16.41 -4.38 -9.45
CA ARG B 87 -16.71 -5.71 -8.92
C ARG B 87 -18.23 -5.92 -8.95
N GLY B 88 -18.88 -5.01 -9.65
CA GLY B 88 -20.30 -5.11 -9.91
C GLY B 88 -21.18 -4.40 -8.94
N ALA B 89 -20.61 -3.61 -8.03
CA ALA B 89 -21.44 -2.98 -7.00
C ALA B 89 -22.42 -1.96 -7.56
N LYS B 90 -23.60 -1.85 -7.00
CA LYS B 90 -24.51 -0.73 -7.21
C LYS B 90 -24.89 -0.15 -5.84
N LEU B 91 -24.17 0.90 -5.49
CA LEU B 91 -24.41 1.64 -4.26
C LEU B 91 -25.86 2.08 -4.17
N LEU B 92 -26.57 1.74 -3.10
CA LEU B 92 -27.97 2.02 -2.89
C LEU B 92 -28.19 3.13 -1.87
N GLN B 93 -27.38 3.08 -0.80
CA GLN B 93 -27.65 3.96 0.32
C GLN B 93 -26.44 4.15 1.21
N ALA B 94 -26.36 5.32 1.83
CA ALA B 94 -25.32 5.57 2.83
C ALA B 94 -25.96 6.28 4.01
N SER B 95 -25.71 5.74 5.19
CA SER B 95 -26.25 6.34 6.42
C SER B 95 -25.10 6.57 7.38
N LEU B 96 -24.90 7.81 7.81
CA LEU B 96 -23.79 8.03 8.72
C LEU B 96 -24.07 9.11 9.77
N VAL B 97 -23.29 9.04 10.83
CA VAL B 97 -23.42 9.93 11.96
C VAL B 97 -22.10 10.67 12.19
N LEU B 98 -22.19 11.98 12.26
CA LEU B 98 -21.05 12.82 12.57
C LEU B 98 -21.21 13.37 13.99
N THR B 99 -20.20 13.14 14.81
CA THR B 99 -20.20 13.57 16.22
C THR B 99 -19.07 14.55 16.53
N LEU B 100 -19.44 15.76 16.94
CA LEU B 100 -18.41 16.75 17.31
C LEU B 100 -19.08 17.87 18.10
N ASP B 101 -18.31 18.44 19.02
CA ASP B 101 -18.99 19.32 19.98
C ASP B 101 -19.15 20.72 19.41
N ARG B 102 -18.27 21.12 18.52
CA ARG B 102 -18.38 22.33 17.73
C ARG B 102 -17.59 22.14 16.43
N PRO B 103 -17.93 22.90 15.40
CA PRO B 103 -19.04 23.83 15.42
C PRO B 103 -20.37 23.11 15.17
N LYS B 104 -21.46 23.86 15.12
CA LYS B 104 -22.76 23.29 14.76
C LYS B 104 -22.80 23.04 13.25
N LEU B 105 -23.25 21.85 12.90
CA LEU B 105 -23.35 21.47 11.49
C LEU B 105 -24.72 21.76 10.91
N GLY B 106 -25.71 21.95 11.80
CA GLY B 106 -27.08 22.25 11.40
C GLY B 106 -27.22 23.22 10.25
N PRO B 107 -26.63 24.40 10.36
CA PRO B 107 -26.70 25.40 9.29
C PRO B 107 -26.15 24.94 7.95
N HIS B 108 -25.38 23.85 7.95
CA HIS B 108 -24.70 23.39 6.75
C HIS B 108 -25.34 22.13 6.21
N ARG B 109 -26.48 21.76 6.78
CA ARG B 109 -27.03 20.45 6.43
C ARG B 109 -27.24 20.31 4.92
N LYS B 110 -27.83 21.31 4.26
CA LYS B 110 -28.15 21.15 2.85
C LYS B 110 -26.91 20.92 1.99
N ALA B 111 -25.89 21.73 2.22
CA ALA B 111 -24.70 21.64 1.39
C ALA B 111 -23.97 20.33 1.68
N LEU B 112 -23.90 19.92 2.95
CA LEU B 112 -23.29 18.62 3.25
C LEU B 112 -24.02 17.46 2.57
N VAL B 113 -25.35 17.42 2.64
CA VAL B 113 -26.08 16.31 2.02
C VAL B 113 -25.98 16.40 0.51
N ASP B 114 -26.09 17.62 -0.04
CA ASP B 114 -25.91 17.80 -1.47
C ASP B 114 -24.55 17.26 -1.90
N SER B 115 -23.54 17.51 -1.08
CA SER B 115 -22.20 17.04 -1.45
C SER B 115 -22.13 15.52 -1.52
N LEU B 116 -22.65 14.89 -0.45
CA LEU B 116 -22.60 13.44 -0.42
C LEU B 116 -23.42 12.86 -1.57
N SER B 117 -24.57 13.48 -1.85
CA SER B 117 -25.41 12.96 -2.94
C SER B 117 -24.70 13.09 -4.30
N ARG B 118 -24.02 14.23 -4.48
CA ARG B 118 -23.31 14.44 -5.73
C ARG B 118 -22.12 13.51 -5.89
N LEU B 119 -21.32 13.34 -4.84
CA LEU B 119 -20.14 12.49 -4.91
C LEU B 119 -20.44 11.01 -5.03
N MET B 120 -21.48 10.53 -4.34
CA MET B 120 -21.81 9.10 -4.34
C MET B 120 -22.88 8.78 -5.38
N ARG B 121 -23.37 9.80 -6.08
CA ARG B 121 -24.41 9.69 -7.09
C ARG B 121 -25.64 8.98 -6.53
N LEU B 122 -26.11 9.39 -5.36
CA LEU B 122 -27.31 8.82 -4.74
C LEU B 122 -28.36 9.91 -4.57
N PRO B 123 -29.63 9.58 -4.72
CA PRO B 123 -30.66 10.61 -4.51
C PRO B 123 -30.68 11.03 -3.06
N GLN B 124 -31.21 12.19 -2.75
CA GLN B 124 -31.03 12.70 -1.39
C GLN B 124 -31.73 11.89 -0.32
N ASP B 125 -32.76 11.14 -0.68
CA ASP B 125 -33.46 10.33 0.31
C ASP B 125 -32.70 9.05 0.63
N ARG B 126 -31.59 8.82 -0.09
CA ARG B 126 -30.72 7.67 0.14
C ARG B 126 -29.39 8.11 0.79
N ILE B 127 -29.33 9.39 1.16
CA ILE B 127 -28.24 9.93 1.97
C ILE B 127 -28.79 10.19 3.37
N GLY B 128 -28.37 9.39 4.35
CA GLY B 128 -28.85 9.55 5.72
C GLY B 128 -27.76 10.12 6.60
N LEU B 129 -27.80 11.44 6.78
CA LEU B 129 -26.76 12.15 7.51
C LEU B 129 -27.35 12.69 8.81
N THR B 130 -26.76 12.34 9.94
CA THR B 130 -27.25 12.91 11.21
C THR B 130 -26.07 13.47 11.99
N PHE B 131 -26.34 14.51 12.79
CA PHE B 131 -25.34 15.23 13.54
C PHE B 131 -25.57 15.12 15.05
N LYS B 132 -24.47 14.92 15.75
CA LYS B 132 -24.53 14.82 17.20
C LYS B 132 -23.38 15.57 17.82
N THR B 133 -23.53 15.98 19.07
CA THR B 133 -22.40 16.36 19.91
C THR B 133 -22.02 15.17 20.79
N SER B 134 -20.84 15.17 21.42
CA SER B 134 -20.42 14.08 22.28
C SER B 134 -20.87 14.28 23.73
N GLU B 135 -21.52 15.42 23.97
CA GLU B 135 -21.95 15.75 25.33
C GLU B 135 -20.75 15.73 26.25
N GLY B 136 -19.61 16.18 25.75
CA GLY B 136 -18.48 16.31 26.66
C GLY B 136 -17.65 15.06 26.79
N LEU B 137 -18.10 13.94 26.21
CA LEU B 137 -17.32 12.70 26.19
C LEU B 137 -16.08 12.81 25.30
N ALA B 138 -16.16 13.55 24.19
CA ALA B 138 -15.03 13.62 23.26
C ALA B 138 -15.00 15.01 22.65
N PRO B 139 -14.67 15.98 23.51
CA PRO B 139 -14.79 17.38 23.12
C PRO B 139 -13.69 17.85 22.17
N SER B 140 -12.69 17.02 21.92
CA SER B 140 -11.54 17.40 21.10
C SER B 140 -11.41 16.52 19.86
N HIS B 141 -12.46 15.78 19.52
CA HIS B 141 -12.37 14.94 18.33
C HIS B 141 -13.63 15.09 17.47
N VAL B 142 -13.45 14.79 16.19
CA VAL B 142 -14.61 14.61 15.33
C VAL B 142 -14.72 13.11 15.09
N GLN B 143 -15.92 12.54 15.14
CA GLN B 143 -16.07 11.10 14.89
C GLN B 143 -17.09 10.88 13.80
N ALA B 144 -16.90 9.85 12.99
CA ALA B 144 -17.93 9.52 12.01
C ALA B 144 -18.08 7.99 11.99
N ARG B 145 -19.29 7.48 11.87
CA ARG B 145 -19.55 6.06 11.71
C ARG B 145 -20.56 5.95 10.59
N ALA B 146 -20.32 4.99 9.70
CA ALA B 146 -21.11 4.96 8.47
C ALA B 146 -21.50 3.52 8.08
N VAL B 147 -22.72 3.34 7.60
CA VAL B 147 -23.17 2.09 7.05
C VAL B 147 -23.50 2.32 5.58
N VAL B 148 -23.07 1.43 4.68
CA VAL B 148 -23.47 1.51 3.29
C VAL B 148 -24.21 0.23 2.89
N LEU B 149 -25.13 0.38 1.94
CA LEU B 149 -25.93 -0.74 1.42
C LEU B 149 -25.76 -0.78 -0.08
N LEU B 150 -25.51 -1.95 -0.66
CA LEU B 150 -25.33 -2.00 -2.09
C LEU B 150 -26.07 -3.20 -2.69
N ASP B 151 -26.45 -3.05 -3.94
CA ASP B 151 -27.06 -4.14 -4.71
C ASP B 151 -28.50 -4.40 -4.30
N ARG C 2 -34.06 -0.70 2.88
CA ARG C 2 -33.41 0.50 3.39
C ARG C 2 -32.76 0.27 4.75
N ILE C 3 -31.69 1.03 5.00
CA ILE C 3 -31.06 0.93 6.31
C ILE C 3 -30.87 2.32 6.90
N GLY C 4 -30.83 2.41 8.22
CA GLY C 4 -30.57 3.70 8.85
C GLY C 4 -29.68 3.43 10.05
N TYR C 5 -28.84 4.37 10.43
CA TYR C 5 -27.91 4.21 11.54
C TYR C 5 -27.96 5.47 12.40
N GLY C 6 -28.07 5.34 13.70
CA GLY C 6 -28.14 6.53 14.57
C GLY C 6 -27.40 6.33 15.86
N GLU C 7 -27.05 7.42 16.53
CA GLU C 7 -26.32 7.31 17.79
C GLU C 7 -26.86 8.35 18.78
N ASP C 8 -26.64 8.10 20.06
CA ASP C 8 -26.99 9.16 21.02
C ASP C 8 -26.13 8.95 22.26
N SER C 9 -25.88 10.03 22.98
CA SER C 9 -25.22 9.85 24.27
C SER C 9 -25.54 11.04 25.17
N HIS C 10 -25.51 10.80 26.47
CA HIS C 10 -25.80 11.80 27.48
C HIS C 10 -24.97 11.55 28.74
N ARG C 11 -24.56 12.68 29.32
CA ARG C 11 -23.99 12.72 30.64
C ARG C 11 -24.98 12.18 31.65
N LEU C 12 -24.47 11.46 32.63
CA LEU C 12 -25.31 10.93 33.69
C LEU C 12 -25.01 11.65 34.99
N GLU C 13 -26.05 12.00 35.77
CA GLU C 13 -25.61 12.56 37.05
C GLU C 13 -26.32 11.87 38.22
N GLU C 14 -25.72 11.94 39.40
CA GLU C 14 -26.32 11.34 40.59
C GLU C 14 -27.65 12.02 40.91
N GLY C 15 -28.60 11.24 41.43
CA GLY C 15 -29.93 11.69 41.77
C GLY C 15 -30.78 12.21 40.64
N ARG C 16 -30.61 11.73 39.41
CA ARG C 16 -31.50 12.11 38.30
C ARG C 16 -32.19 10.86 37.75
N PRO C 17 -33.39 10.97 37.20
CA PRO C 17 -34.06 9.74 36.75
C PRO C 17 -33.38 9.23 35.48
N LEU C 18 -33.28 7.92 35.36
CA LEU C 18 -32.74 7.32 34.14
C LEU C 18 -33.86 6.81 33.25
N TYR C 19 -33.96 7.34 32.01
CA TYR C 19 -34.94 6.78 31.07
C TYR C 19 -34.22 6.02 29.95
N LEU C 20 -34.61 4.78 29.65
CA LEU C 20 -34.04 4.07 28.51
C LEU C 20 -35.08 3.17 27.87
N CYS C 21 -35.14 3.17 26.53
CA CYS C 21 -36.10 2.36 25.80
C CYS C 21 -37.54 2.65 26.21
N GLY C 22 -37.75 3.87 26.70
CA GLY C 22 -39.10 4.32 27.01
C GLY C 22 -39.43 4.15 28.47
N LEU C 23 -38.57 3.48 29.21
CA LEU C 23 -38.87 3.15 30.60
C LEU C 23 -38.02 3.87 31.61
N LEU C 24 -38.60 4.19 32.77
CA LEU C 24 -37.83 4.76 33.87
C LEU C 24 -37.16 3.62 34.65
N ILE C 25 -35.83 3.64 34.72
CA ILE C 25 -35.06 2.54 35.28
C ILE C 25 -34.53 2.90 36.65
N PRO C 26 -34.76 2.11 37.69
CA PRO C 26 -34.11 2.40 38.97
C PRO C 26 -32.59 2.46 38.82
N SER C 27 -32.01 3.56 39.28
CA SER C 27 -30.61 3.87 39.10
C SER C 27 -30.11 4.95 40.06
N PRO C 28 -28.83 4.94 40.37
CA PRO C 28 -28.21 5.99 41.18
C PRO C 28 -27.82 7.15 40.27
N VAL C 29 -27.89 6.92 38.96
CA VAL C 29 -27.64 8.02 38.02
C VAL C 29 -28.73 8.15 36.96
N GLY C 30 -28.90 9.34 36.43
CA GLY C 30 -29.85 9.65 35.38
C GLY C 30 -29.22 10.60 34.39
N ALA C 31 -29.87 10.81 33.24
CA ALA C 31 -29.23 11.71 32.28
C ALA C 31 -29.18 13.14 32.82
N LEU C 32 -28.07 13.82 32.56
CA LEU C 32 -28.08 15.27 32.65
C LEU C 32 -28.48 15.76 31.27
N ALA C 33 -29.77 15.94 31.04
CA ALA C 33 -30.19 16.29 29.67
C ALA C 33 -30.98 17.58 29.58
N HIS C 34 -31.62 17.73 28.41
CA HIS C 34 -32.57 18.80 28.14
C HIS C 34 -33.94 18.16 27.89
N SER C 35 -33.85 16.95 27.38
CA SER C 35 -34.87 15.97 27.11
C SER C 35 -34.97 14.98 28.27
N ASP C 36 -35.64 13.84 28.08
CA ASP C 36 -35.52 12.81 29.10
C ASP C 36 -34.18 12.07 28.99
N GLY C 37 -33.38 12.47 27.99
CA GLY C 37 -32.12 11.90 27.65
C GLY C 37 -32.14 10.41 27.38
N ASP C 38 -33.23 9.86 26.86
CA ASP C 38 -33.32 8.43 26.56
C ASP C 38 -32.48 8.11 25.31
N ALA C 39 -31.22 7.75 25.53
CA ALA C 39 -30.27 7.53 24.46
C ALA C 39 -30.76 6.47 23.48
N ALA C 40 -31.44 5.43 23.96
CA ALA C 40 -31.89 4.38 23.06
C ALA C 40 -32.95 4.90 22.11
N MET C 41 -33.93 5.64 22.65
CA MET C 41 -34.98 6.16 21.77
C MET C 41 -34.37 7.16 20.78
N HIS C 42 -33.43 7.95 21.28
CA HIS C 42 -32.88 8.99 20.38
C HIS C 42 -32.14 8.35 19.22
N ALA C 43 -31.32 7.35 19.53
CA ALA C 43 -30.55 6.68 18.49
C ALA C 43 -31.49 6.03 17.48
N LEU C 44 -32.54 5.39 18.02
CA LEU C 44 -33.47 4.70 17.13
C LEU C 44 -34.21 5.70 16.24
N THR C 45 -34.58 6.83 16.83
CA THR C 45 -35.29 7.86 16.08
C THR C 45 -34.42 8.42 14.96
N ASP C 46 -33.18 8.75 15.30
CA ASP C 46 -32.28 9.25 14.25
C ASP C 46 -32.11 8.17 13.20
N ALA C 47 -32.02 6.89 13.62
CA ALA C 47 -31.79 5.84 12.62
C ALA C 47 -32.94 5.78 11.61
N LEU C 48 -34.17 5.88 12.12
CA LEU C 48 -35.37 5.92 11.28
C LEU C 48 -35.37 7.12 10.32
N LEU C 49 -35.13 8.32 10.83
CA LEU C 49 -35.09 9.51 10.00
C LEU C 49 -34.03 9.37 8.92
N SER C 50 -32.88 8.88 9.34
CA SER C 50 -31.76 8.71 8.42
C SER C 50 -32.07 7.77 7.27
N ALA C 51 -32.83 6.70 7.54
CA ALA C 51 -33.16 5.74 6.50
C ALA C 51 -33.94 6.35 5.34
N TYR C 52 -34.52 7.55 5.57
CA TYR C 52 -35.24 8.24 4.52
C TYR C 52 -34.65 9.61 4.26
N GLY C 53 -33.46 9.94 4.78
CA GLY C 53 -32.86 11.23 4.42
C GLY C 53 -33.61 12.37 5.06
N LEU C 54 -34.33 12.14 6.16
CA LEU C 54 -35.28 13.14 6.64
C LEU C 54 -34.64 14.14 7.60
N GLY C 55 -33.40 13.91 8.00
CA GLY C 55 -32.68 14.82 8.88
C GLY C 55 -32.37 14.10 10.17
N ASP C 56 -32.53 14.79 11.28
CA ASP C 56 -32.26 14.19 12.59
C ASP C 56 -33.09 14.88 13.67
N ILE C 57 -32.95 14.46 14.92
CA ILE C 57 -33.86 14.93 15.97
C ILE C 57 -33.54 16.38 16.29
N GLY C 58 -32.27 16.75 16.10
CA GLY C 58 -31.95 18.19 16.24
C GLY C 58 -32.65 19.04 15.20
N LEU C 59 -32.86 18.56 13.98
CA LEU C 59 -33.59 19.33 12.98
C LEU C 59 -35.09 19.30 13.24
N LEU C 60 -35.67 18.12 13.42
CA LEU C 60 -37.10 17.94 13.52
C LEU C 60 -37.66 18.20 14.91
N PHE C 61 -36.87 18.09 15.96
CA PHE C 61 -37.42 18.33 17.30
C PHE C 61 -36.62 19.41 18.03
N PRO C 62 -36.54 20.60 17.49
CA PRO C 62 -35.88 21.66 18.30
C PRO C 62 -36.83 22.05 19.43
N ASP C 63 -36.33 22.28 20.65
CA ASP C 63 -37.28 22.52 21.74
C ASP C 63 -38.12 23.77 21.51
N THR C 64 -37.54 24.72 20.77
CA THR C 64 -38.24 25.97 20.52
C THR C 64 -39.60 25.73 19.88
N ASP C 65 -39.74 24.64 19.14
CA ASP C 65 -41.13 24.36 18.72
C ASP C 65 -41.88 23.87 19.94
N PRO C 66 -43.10 24.35 20.13
CA PRO C 66 -43.87 24.01 21.33
C PRO C 66 -44.05 22.51 21.52
N ARG C 67 -44.59 21.83 20.51
CA ARG C 67 -45.01 20.45 20.63
C ARG C 67 -44.00 19.47 21.25
N TRP C 68 -42.73 19.85 21.34
CA TRP C 68 -41.56 19.09 21.75
C TRP C 68 -41.08 19.40 23.16
N ARG C 69 -41.39 20.58 23.68
CA ARG C 69 -40.97 21.04 25.00
C ARG C 69 -41.60 20.26 26.15
N GLY C 70 -40.76 19.61 26.95
CA GLY C 70 -41.14 18.70 28.01
C GLY C 70 -41.53 17.31 27.53
N GLU C 71 -41.63 17.06 26.22
CA GLU C 71 -42.10 15.76 25.77
C GLU C 71 -41.11 14.62 25.99
N ARG C 72 -41.64 13.46 26.37
CA ARG C 72 -40.82 12.24 26.44
C ARG C 72 -40.51 11.75 25.01
N SER C 73 -39.40 11.04 24.88
CA SER C 73 -38.83 10.69 23.59
C SER C 73 -39.72 9.77 22.76
N GLU C 74 -40.69 9.03 23.33
CA GLU C 74 -41.54 8.22 22.44
C GLU C 74 -42.33 9.09 21.48
N VAL C 75 -42.51 10.36 21.85
CA VAL C 75 -43.23 11.24 20.90
C VAL C 75 -42.38 11.46 19.65
N PHE C 76 -41.08 11.66 19.83
CA PHE C 76 -40.18 11.83 18.68
C PHE C 76 -40.10 10.56 17.83
N LEU C 77 -39.98 9.41 18.51
CA LEU C 77 -39.94 8.12 17.81
C LEU C 77 -41.22 7.90 17.01
N ARG C 78 -42.37 8.18 17.63
CA ARG C 78 -43.57 7.84 16.88
C ARG C 78 -43.80 8.81 15.73
N GLU C 79 -43.30 10.03 15.87
CA GLU C 79 -43.41 10.95 14.72
C GLU C 79 -42.47 10.53 13.60
N ALA C 80 -41.27 10.05 13.92
CA ALA C 80 -40.40 9.52 12.85
C ALA C 80 -41.07 8.31 12.20
N MET C 81 -41.66 7.43 13.02
CA MET C 81 -42.43 6.30 12.45
C MET C 81 -43.52 6.85 11.55
N ARG C 82 -44.27 7.89 11.97
CA ARG C 82 -45.32 8.42 11.07
C ARG C 82 -44.72 8.93 9.77
N LEU C 83 -43.59 9.63 9.84
CA LEU C 83 -42.97 10.14 8.61
C LEU C 83 -42.49 9.06 7.68
N VAL C 84 -41.82 8.00 8.16
CA VAL C 84 -41.32 7.03 7.19
C VAL C 84 -42.46 6.15 6.65
N GLU C 85 -43.45 5.81 7.47
CA GLU C 85 -44.65 5.09 7.08
C GLU C 85 -45.39 5.83 5.98
N ALA C 86 -45.47 7.15 6.10
CA ALA C 86 -46.12 7.93 5.03
C ALA C 86 -45.33 7.84 3.74
N ARG C 87 -44.07 7.44 3.81
CA ARG C 87 -43.26 7.33 2.61
C ARG C 87 -43.19 5.88 2.13
N GLY C 88 -44.04 5.03 2.72
CA GLY C 88 -44.11 3.66 2.25
C GLY C 88 -43.25 2.71 3.05
N ALA C 89 -42.57 3.17 4.12
CA ALA C 89 -41.73 2.26 4.87
C ALA C 89 -42.51 1.20 5.65
N LYS C 90 -41.91 -0.01 5.65
CA LYS C 90 -42.38 -1.04 6.58
C LYS C 90 -41.14 -1.46 7.39
N LEU C 91 -41.12 -0.95 8.61
CA LEU C 91 -40.01 -1.26 9.52
C LEU C 91 -39.90 -2.77 9.75
N LEU C 92 -38.71 -3.33 9.57
CA LEU C 92 -38.60 -4.78 9.78
C LEU C 92 -37.81 -5.15 11.01
N GLN C 93 -36.86 -4.32 11.45
CA GLN C 93 -35.92 -4.74 12.48
C GLN C 93 -35.16 -3.55 13.07
N ALA C 94 -34.85 -3.67 14.37
CA ALA C 94 -34.00 -2.69 15.02
C ALA C 94 -32.97 -3.41 15.90
N SER C 95 -31.70 -3.04 15.73
CA SER C 95 -30.63 -3.71 16.48
C SER C 95 -29.81 -2.62 17.12
N LEU C 96 -29.67 -2.64 18.43
CA LEU C 96 -28.94 -1.53 19.06
C LEU C 96 -28.16 -1.97 20.28
N VAL C 97 -27.12 -1.19 20.61
CA VAL C 97 -26.26 -1.49 21.74
C VAL C 97 -26.33 -0.34 22.73
N LEU C 98 -26.61 -0.64 24.00
CA LEU C 98 -26.53 0.41 25.00
C LEU C 98 -25.26 0.22 25.81
N THR C 99 -24.52 1.31 26.03
CA THR C 99 -23.32 1.26 26.85
C THR C 99 -23.41 2.21 28.04
N LEU C 100 -23.17 1.63 29.21
CA LEU C 100 -23.08 2.41 30.46
C LEU C 100 -22.59 1.51 31.59
N ASP C 101 -21.84 2.12 32.50
CA ASP C 101 -21.19 1.33 33.54
C ASP C 101 -22.16 0.99 34.66
N ARG C 102 -23.16 1.86 34.87
CA ARG C 102 -24.17 1.57 35.90
C ARG C 102 -25.45 2.32 35.60
N PRO C 103 -26.60 1.79 36.00
CA PRO C 103 -26.73 0.48 36.60
C PRO C 103 -26.70 -0.65 35.58
N LYS C 104 -26.72 -1.89 36.08
CA LYS C 104 -26.76 -3.08 35.25
C LYS C 104 -28.12 -3.13 34.56
N LEU C 105 -28.12 -3.44 33.26
CA LEU C 105 -29.42 -3.44 32.56
C LEU C 105 -29.97 -4.86 32.41
N GLY C 106 -29.07 -5.82 32.62
CA GLY C 106 -29.44 -7.22 32.58
C GLY C 106 -30.74 -7.54 33.28
N PRO C 107 -30.93 -7.10 34.49
CA PRO C 107 -32.19 -7.45 35.17
C PRO C 107 -33.41 -6.84 34.50
N HIS C 108 -33.22 -5.88 33.63
CA HIS C 108 -34.35 -5.22 33.02
C HIS C 108 -34.54 -5.61 31.57
N ARG C 109 -33.82 -6.68 31.18
CA ARG C 109 -33.85 -7.07 29.79
C ARG C 109 -35.27 -7.26 29.26
N LYS C 110 -36.11 -8.02 29.97
CA LYS C 110 -37.41 -8.36 29.41
C LYS C 110 -38.25 -7.10 29.16
N ALA C 111 -38.25 -6.25 30.18
CA ALA C 111 -39.01 -5.00 30.11
C ALA C 111 -38.55 -4.08 28.99
N LEU C 112 -37.24 -3.97 28.84
CA LEU C 112 -36.70 -3.07 27.81
C LEU C 112 -37.06 -3.57 26.43
N VAL C 113 -36.93 -4.88 26.18
CA VAL C 113 -37.27 -5.41 24.86
C VAL C 113 -38.76 -5.30 24.60
N ASP C 114 -39.55 -5.65 25.62
CA ASP C 114 -41.00 -5.55 25.52
C ASP C 114 -41.40 -4.13 25.13
N SER C 115 -40.75 -3.14 25.73
CA SER C 115 -41.16 -1.74 25.47
C SER C 115 -40.80 -1.37 24.04
N LEU C 116 -39.59 -1.71 23.60
CA LEU C 116 -39.22 -1.41 22.22
C LEU C 116 -40.11 -2.17 21.25
N SER C 117 -40.46 -3.40 21.60
CA SER C 117 -41.32 -4.18 20.73
C SER C 117 -42.66 -3.48 20.54
N ARG C 118 -43.19 -2.99 21.66
CA ARG C 118 -44.51 -2.36 21.57
C ARG C 118 -44.48 -1.00 20.90
N LEU C 119 -43.50 -0.18 21.21
CA LEU C 119 -43.29 1.14 20.60
C LEU C 119 -43.08 1.05 19.09
N MET C 120 -42.24 0.13 18.60
CA MET C 120 -41.92 0.06 17.17
C MET C 120 -42.80 -0.94 16.43
N ARG C 121 -43.69 -1.62 17.16
CA ARG C 121 -44.61 -2.58 16.57
C ARG C 121 -43.85 -3.67 15.83
N LEU C 122 -42.81 -4.20 16.48
CA LEU C 122 -42.02 -5.28 15.94
C LEU C 122 -42.07 -6.53 16.81
N PRO C 123 -41.99 -7.71 16.21
CA PRO C 123 -41.99 -8.94 17.01
C PRO C 123 -40.70 -9.00 17.82
N GLN C 124 -40.72 -9.68 18.96
CA GLN C 124 -39.58 -9.64 19.86
C GLN C 124 -38.29 -10.15 19.23
N ASP C 125 -38.41 -11.07 18.26
CA ASP C 125 -37.19 -11.58 17.64
C ASP C 125 -36.58 -10.56 16.69
N ARG C 126 -37.23 -9.42 16.47
CA ARG C 126 -36.75 -8.40 15.54
C ARG C 126 -36.31 -7.14 16.28
N ILE C 127 -36.25 -7.28 17.60
CA ILE C 127 -35.66 -6.28 18.48
C ILE C 127 -34.35 -6.89 18.98
N GLY C 128 -33.25 -6.35 18.48
CA GLY C 128 -31.95 -6.88 18.90
C GLY C 128 -31.29 -5.91 19.87
N LEU C 129 -31.45 -6.13 21.17
CA LEU C 129 -30.91 -5.21 22.17
C LEU C 129 -29.76 -5.88 22.90
N THR C 130 -28.60 -5.25 22.96
CA THR C 130 -27.49 -5.81 23.73
C THR C 130 -26.94 -4.75 24.68
N PHE C 131 -26.40 -5.18 25.82
CA PHE C 131 -25.91 -4.24 26.82
C PHE C 131 -24.40 -4.36 27.02
N LYS C 132 -23.70 -3.26 27.16
CA LYS C 132 -22.26 -3.26 27.44
C LYS C 132 -21.94 -2.27 28.56
N THR C 133 -20.83 -2.43 29.28
CA THR C 133 -20.24 -1.37 30.07
C THR C 133 -19.13 -0.72 29.22
N SER C 134 -18.67 0.46 29.61
CA SER C 134 -17.61 1.14 28.87
C SER C 134 -16.22 0.70 29.29
N GLU C 135 -16.12 -0.23 30.24
CA GLU C 135 -14.77 -0.66 30.66
C GLU C 135 -13.90 0.50 31.13
N GLY C 136 -14.58 1.50 31.71
CA GLY C 136 -13.92 2.69 32.20
C GLY C 136 -13.65 3.69 31.10
N LEU C 137 -14.04 3.41 29.87
CA LEU C 137 -13.92 4.39 28.80
C LEU C 137 -14.85 5.57 29.02
N ALA C 138 -16.04 5.30 29.57
CA ALA C 138 -16.99 6.42 29.66
C ALA C 138 -17.93 6.20 30.84
N PRO C 139 -17.38 6.33 32.04
CA PRO C 139 -18.09 6.00 33.27
C PRO C 139 -19.18 6.98 33.59
N SER C 140 -19.20 8.11 32.84
CA SER C 140 -20.23 9.06 33.29
C SER C 140 -21.22 9.36 32.18
N HIS C 141 -21.24 8.49 31.17
CA HIS C 141 -22.20 8.69 30.09
C HIS C 141 -23.03 7.43 29.83
N VAL C 142 -24.21 7.66 29.30
CA VAL C 142 -24.87 6.52 28.63
C VAL C 142 -24.73 6.72 27.12
N GLN C 143 -24.54 5.64 26.38
CA GLN C 143 -24.37 5.71 24.93
C GLN C 143 -25.26 4.68 24.25
N ALA C 144 -25.72 5.06 23.05
CA ALA C 144 -26.54 4.14 22.29
C ALA C 144 -26.22 4.26 20.79
N ARG C 145 -26.19 3.11 20.13
CA ARG C 145 -25.94 3.09 18.69
C ARG C 145 -26.90 2.08 18.08
N ALA C 146 -27.58 2.53 17.01
CA ALA C 146 -28.67 1.65 16.52
C ALA C 146 -28.66 1.53 15.02
N VAL C 147 -29.03 0.34 14.55
CA VAL C 147 -29.25 0.14 13.12
C VAL C 147 -30.71 -0.27 12.90
N VAL C 148 -31.37 0.33 11.90
CA VAL C 148 -32.71 -0.16 11.59
C VAL C 148 -32.76 -0.68 10.15
N LEU C 149 -33.67 -1.60 9.91
CA LEU C 149 -33.81 -2.17 8.58
C LEU C 149 -35.26 -2.02 8.15
N LEU C 150 -35.52 -1.56 6.94
CA LEU C 150 -36.92 -1.40 6.53
C LEU C 150 -37.12 -1.99 5.13
N ASP C 151 -38.31 -2.52 4.94
CA ASP C 151 -38.91 -3.29 3.89
C ASP C 151 -38.31 -4.71 3.84
N ARG D 2 10.11 9.83 -21.50
CA ARG D 2 10.46 9.34 -20.18
C ARG D 2 11.21 8.01 -20.23
N ILE D 3 12.01 7.76 -19.20
CA ILE D 3 12.71 6.50 -19.07
C ILE D 3 12.46 5.90 -17.70
N GLY D 4 12.44 4.58 -17.61
CA GLY D 4 12.25 3.94 -16.30
C GLY D 4 13.29 2.83 -16.20
N TYR D 5 13.78 2.52 -15.03
CA TYR D 5 14.71 1.40 -14.87
C TYR D 5 14.31 0.56 -13.68
N GLY D 6 14.37 -0.78 -13.86
CA GLY D 6 13.96 -1.63 -12.75
C GLY D 6 14.78 -2.90 -12.71
N GLU D 7 14.82 -3.51 -11.52
CA GLU D 7 15.56 -4.74 -11.31
C GLU D 7 14.74 -5.75 -10.54
N ASP D 8 15.06 -7.03 -10.78
CA ASP D 8 14.51 -8.04 -9.88
C ASP D 8 15.44 -9.24 -9.87
N SER D 9 15.44 -9.95 -8.75
CA SER D 9 16.18 -11.20 -8.64
C SER D 9 15.34 -12.10 -7.76
N HIS D 10 15.45 -13.40 -7.94
CA HIS D 10 14.86 -14.33 -7.00
C HIS D 10 15.74 -15.57 -6.91
N ARG D 11 15.73 -16.11 -5.69
CA ARG D 11 16.42 -17.36 -5.48
C ARG D 11 15.73 -18.45 -6.29
N LEU D 12 16.50 -19.33 -6.94
CA LEU D 12 15.94 -20.45 -7.69
C LEU D 12 15.99 -21.73 -6.85
N GLU D 13 14.90 -22.48 -6.86
CA GLU D 13 14.92 -23.76 -6.12
C GLU D 13 14.50 -24.92 -7.02
N GLU D 14 15.14 -26.07 -6.83
CA GLU D 14 14.86 -27.27 -7.61
C GLU D 14 13.39 -27.65 -7.43
N GLY D 15 12.73 -28.16 -8.46
CA GLY D 15 11.35 -28.59 -8.22
C GLY D 15 10.27 -27.54 -8.25
N ARG D 16 10.59 -26.25 -8.31
CA ARG D 16 9.61 -25.17 -8.37
C ARG D 16 9.39 -24.72 -9.81
N PRO D 17 8.18 -24.31 -10.15
CA PRO D 17 7.90 -23.87 -11.53
C PRO D 17 8.64 -22.56 -11.78
N LEU D 18 9.18 -22.45 -12.98
CA LEU D 18 9.88 -21.25 -13.45
C LEU D 18 8.97 -20.45 -14.38
N TYR D 19 8.77 -19.20 -14.00
CA TYR D 19 7.93 -18.26 -14.75
C TYR D 19 8.79 -17.10 -15.25
N LEU D 20 8.72 -16.92 -16.57
CA LEU D 20 9.46 -15.79 -17.13
C LEU D 20 8.64 -15.16 -18.24
N CYS D 21 8.58 -13.82 -18.22
CA CYS D 21 7.85 -13.10 -19.26
C CYS D 21 6.39 -13.55 -19.34
N GLY D 22 5.86 -14.02 -18.24
CA GLY D 22 4.51 -14.49 -18.04
C GLY D 22 4.29 -15.94 -18.44
N LEU D 23 5.35 -16.62 -18.88
CA LEU D 23 5.23 -18.01 -19.33
C LEU D 23 5.79 -19.04 -18.36
N LEU D 24 5.18 -20.23 -18.29
CA LEU D 24 5.79 -21.35 -17.55
C LEU D 24 6.96 -21.83 -18.39
N ILE D 25 8.16 -21.94 -17.84
CA ILE D 25 9.26 -22.46 -18.65
C ILE D 25 9.71 -23.80 -18.10
N PRO D 26 9.68 -24.87 -18.86
CA PRO D 26 10.13 -26.16 -18.31
C PRO D 26 11.55 -26.06 -17.80
N SER D 27 11.79 -26.57 -16.61
CA SER D 27 13.02 -26.27 -15.87
C SER D 27 13.15 -27.13 -14.61
N PRO D 28 14.40 -27.43 -14.29
CA PRO D 28 14.74 -28.13 -13.05
C PRO D 28 14.61 -27.26 -11.82
N VAL D 29 14.58 -25.94 -12.04
CA VAL D 29 14.55 -25.00 -10.94
C VAL D 29 13.56 -23.87 -11.20
N GLY D 30 13.11 -23.25 -10.11
CA GLY D 30 12.10 -22.21 -10.27
C GLY D 30 12.16 -21.29 -9.07
N ALA D 31 11.48 -20.15 -9.16
CA ALA D 31 11.77 -19.17 -8.11
C ALA D 31 11.20 -19.67 -6.79
N LEU D 32 11.94 -19.32 -5.74
CA LEU D 32 11.55 -19.51 -4.35
C LEU D 32 10.96 -18.18 -3.90
N ALA D 33 9.63 -18.04 -3.95
CA ALA D 33 9.09 -16.71 -3.63
C ALA D 33 7.62 -16.78 -3.23
N HIS D 34 7.22 -15.75 -2.48
CA HIS D 34 5.83 -15.49 -2.14
C HIS D 34 5.03 -15.10 -3.38
N SER D 35 5.73 -14.70 -4.43
CA SER D 35 5.13 -14.41 -5.73
C SER D 35 5.42 -15.56 -6.71
N ASP D 36 5.13 -15.37 -7.99
CA ASP D 36 5.53 -16.40 -8.95
C ASP D 36 6.99 -16.20 -9.35
N GLY D 37 7.65 -15.22 -8.72
CA GLY D 37 9.07 -15.07 -8.94
C GLY D 37 9.44 -14.74 -10.37
N ASP D 38 8.52 -14.19 -11.16
CA ASP D 38 8.83 -13.83 -12.55
C ASP D 38 9.67 -12.56 -12.59
N ALA D 39 10.99 -12.70 -12.57
CA ALA D 39 11.89 -11.56 -12.49
C ALA D 39 11.68 -10.64 -13.67
N ALA D 40 11.38 -11.17 -14.85
CA ALA D 40 11.23 -10.27 -16.01
C ALA D 40 10.02 -9.36 -15.80
N MET D 41 8.88 -9.98 -15.44
CA MET D 41 7.66 -9.21 -15.19
C MET D 41 7.91 -8.17 -14.11
N HIS D 42 8.61 -8.54 -13.04
CA HIS D 42 8.75 -7.60 -11.93
C HIS D 42 9.65 -6.42 -12.32
N ALA D 43 10.75 -6.72 -13.01
CA ALA D 43 11.66 -5.66 -13.43
C ALA D 43 10.96 -4.67 -14.36
N LEU D 44 10.22 -5.20 -15.33
CA LEU D 44 9.48 -4.34 -16.27
C LEU D 44 8.44 -3.49 -15.53
N THR D 45 7.78 -4.10 -14.54
CA THR D 45 6.75 -3.41 -13.77
C THR D 45 7.39 -2.29 -12.98
N ASP D 46 8.48 -2.60 -12.28
CA ASP D 46 9.16 -1.54 -11.53
C ASP D 46 9.61 -0.45 -12.48
N ALA D 47 10.11 -0.83 -13.66
CA ALA D 47 10.61 0.18 -14.59
C ALA D 47 9.50 1.13 -15.02
N LEU D 48 8.33 0.57 -15.30
CA LEU D 48 7.19 1.41 -15.68
C LEU D 48 6.77 2.36 -14.57
N LEU D 49 6.71 1.82 -13.36
CA LEU D 49 6.28 2.67 -12.23
C LEU D 49 7.30 3.77 -12.01
N SER D 50 8.57 3.37 -12.03
CA SER D 50 9.65 4.32 -11.82
C SER D 50 9.59 5.48 -12.80
N ALA D 51 9.18 5.24 -14.04
CA ALA D 51 9.16 6.26 -15.09
C ALA D 51 8.21 7.42 -14.77
N TYR D 52 7.29 7.23 -13.83
CA TYR D 52 6.32 8.23 -13.38
C TYR D 52 6.45 8.49 -11.88
N GLY D 53 7.48 7.91 -11.28
CA GLY D 53 7.72 8.10 -9.85
C GLY D 53 6.58 7.54 -9.02
N LEU D 54 5.94 6.49 -9.51
CA LEU D 54 4.78 5.98 -8.78
C LEU D 54 5.11 5.04 -7.65
N GLY D 55 6.39 4.72 -7.48
CA GLY D 55 6.73 3.84 -6.38
C GLY D 55 7.33 2.57 -6.96
N ASP D 56 7.04 1.43 -6.34
CA ASP D 56 7.58 0.15 -6.83
C ASP D 56 6.61 -0.99 -6.48
N ILE D 57 6.94 -2.21 -6.91
CA ILE D 57 5.98 -3.29 -6.71
C ILE D 57 5.81 -3.69 -5.25
N GLY D 58 6.82 -3.50 -4.41
CA GLY D 58 6.67 -3.82 -2.99
C GLY D 58 5.67 -2.84 -2.39
N LEU D 59 5.71 -1.59 -2.90
CA LEU D 59 4.79 -0.57 -2.39
C LEU D 59 3.38 -0.81 -2.92
N LEU D 60 3.24 -1.06 -4.22
CA LEU D 60 1.91 -1.03 -4.80
C LEU D 60 1.22 -2.38 -4.85
N PHE D 61 1.98 -3.46 -4.76
CA PHE D 61 1.36 -4.80 -4.85
C PHE D 61 1.69 -5.66 -3.66
N PRO D 62 1.41 -5.22 -2.44
CA PRO D 62 1.84 -6.01 -1.28
C PRO D 62 0.90 -7.19 -1.05
N ASP D 63 1.41 -8.26 -0.43
CA ASP D 63 0.51 -9.42 -0.32
C ASP D 63 -0.58 -9.19 0.73
N THR D 64 -0.45 -8.09 1.46
CA THR D 64 -1.47 -7.64 2.41
C THR D 64 -2.74 -7.33 1.66
N ASP D 65 -2.61 -7.03 0.36
CA ASP D 65 -3.82 -6.58 -0.35
C ASP D 65 -4.46 -7.72 -1.12
N PRO D 66 -5.69 -8.03 -0.73
CA PRO D 66 -6.42 -9.13 -1.34
C PRO D 66 -6.52 -9.02 -2.85
N ARG D 67 -6.34 -7.84 -3.46
CA ARG D 67 -6.53 -7.89 -4.91
C ARG D 67 -5.24 -8.40 -5.54
N TRP D 68 -4.15 -8.40 -4.76
CA TRP D 68 -2.90 -8.76 -5.43
C TRP D 68 -2.45 -10.13 -4.96
N ARG D 69 -2.93 -10.49 -3.76
CA ARG D 69 -2.49 -11.72 -3.13
C ARG D 69 -2.64 -12.93 -4.05
N GLY D 70 -1.48 -13.54 -4.28
CA GLY D 70 -1.43 -14.78 -5.03
C GLY D 70 -1.57 -14.58 -6.52
N GLU D 71 -1.70 -13.34 -7.00
CA GLU D 71 -2.00 -13.20 -8.43
C GLU D 71 -0.75 -13.39 -9.28
N ARG D 72 -0.90 -13.75 -10.55
CA ARG D 72 0.19 -13.77 -11.51
C ARG D 72 0.84 -12.40 -11.68
N SER D 73 2.16 -12.37 -11.84
CA SER D 73 2.85 -11.09 -11.99
C SER D 73 2.38 -10.31 -13.19
N GLU D 74 1.77 -10.94 -14.20
CA GLU D 74 1.25 -10.16 -15.33
C GLU D 74 0.11 -9.25 -14.86
N VAL D 75 -0.60 -9.61 -13.80
CA VAL D 75 -1.64 -8.69 -13.31
C VAL D 75 -1.03 -7.38 -12.83
N PHE D 76 0.16 -7.46 -12.24
CA PHE D 76 0.84 -6.27 -11.73
C PHE D 76 1.35 -5.41 -12.88
N LEU D 77 1.90 -6.09 -13.90
CA LEU D 77 2.35 -5.34 -15.07
C LEU D 77 1.19 -4.61 -15.71
N ARG D 78 0.07 -5.31 -15.88
CA ARG D 78 -1.06 -4.62 -16.53
C ARG D 78 -1.55 -3.44 -15.69
N GLU D 79 -1.50 -3.57 -14.36
CA GLU D 79 -1.93 -2.46 -13.48
C GLU D 79 -0.97 -1.29 -13.64
N ALA D 80 0.34 -1.56 -13.63
CA ALA D 80 1.33 -0.50 -13.90
C ALA D 80 1.09 0.13 -15.25
N MET D 81 0.78 -0.68 -16.27
CA MET D 81 0.46 -0.10 -17.58
C MET D 81 -0.78 0.79 -17.49
N ARG D 82 -1.79 0.34 -16.76
CA ARG D 82 -3.02 1.13 -16.58
C ARG D 82 -2.70 2.50 -16.00
N LEU D 83 -1.88 2.48 -14.95
CA LEU D 83 -1.52 3.72 -14.26
C LEU D 83 -0.71 4.68 -15.11
N VAL D 84 0.28 4.18 -15.86
CA VAL D 84 1.08 5.18 -16.60
C VAL D 84 0.27 5.67 -17.78
N GLU D 85 -0.54 4.81 -18.40
CA GLU D 85 -1.42 5.23 -19.48
C GLU D 85 -2.37 6.34 -19.03
N ALA D 86 -2.93 6.19 -17.83
CA ALA D 86 -3.81 7.22 -17.28
C ALA D 86 -3.08 8.54 -17.09
N ARG D 87 -1.75 8.47 -17.02
CA ARG D 87 -0.92 9.67 -16.89
C ARG D 87 -0.43 10.15 -18.25
N GLY D 88 -0.98 9.56 -19.31
CA GLY D 88 -0.71 9.99 -20.66
C GLY D 88 0.46 9.30 -21.33
N ALA D 89 1.04 8.29 -20.66
CA ALA D 89 2.13 7.52 -21.22
C ALA D 89 1.78 6.82 -22.52
N LYS D 90 2.75 6.87 -23.43
CA LYS D 90 2.70 5.98 -24.58
C LYS D 90 3.98 5.14 -24.53
N LEU D 91 3.88 3.91 -24.05
CA LEU D 91 5.06 3.05 -24.04
C LEU D 91 5.66 2.89 -25.43
N LEU D 92 6.96 3.05 -25.58
CA LEU D 92 7.64 2.91 -26.87
C LEU D 92 8.50 1.67 -26.99
N GLN D 93 9.15 1.31 -25.87
CA GLN D 93 10.18 0.27 -25.98
C GLN D 93 10.52 -0.30 -24.60
N ALA D 94 10.88 -1.58 -24.63
CA ALA D 94 11.35 -2.21 -23.41
C ALA D 94 12.60 -3.01 -23.73
N SER D 95 13.67 -2.82 -22.97
CA SER D 95 14.89 -3.60 -23.24
C SER D 95 15.33 -4.23 -21.94
N LEU D 96 15.50 -5.55 -21.87
CA LEU D 96 15.89 -6.11 -20.58
C LEU D 96 16.80 -7.33 -20.75
N VAL D 97 17.51 -7.64 -19.68
CA VAL D 97 18.48 -8.74 -19.71
C VAL D 97 18.05 -9.74 -18.66
N LEU D 98 17.92 -11.03 -19.03
CA LEU D 98 17.67 -12.06 -18.04
C LEU D 98 18.98 -12.86 -17.84
N THR D 99 19.33 -13.07 -16.59
CA THR D 99 20.58 -13.76 -16.24
C THR D 99 20.23 -14.98 -15.40
N LEU D 100 20.61 -16.16 -15.89
CA LEU D 100 20.42 -17.35 -15.06
C LEU D 100 21.22 -18.51 -15.66
N ASP D 101 21.75 -19.35 -14.77
CA ASP D 101 22.68 -20.39 -15.20
C ASP D 101 21.97 -21.53 -15.94
N ARG D 102 20.75 -21.84 -15.57
CA ARG D 102 19.90 -22.80 -16.24
C ARG D 102 18.44 -22.49 -15.92
N PRO D 103 17.52 -22.89 -16.76
CA PRO D 103 17.83 -23.65 -17.98
C PRO D 103 18.25 -22.69 -19.09
N LYS D 104 18.49 -23.26 -20.27
CA LYS D 104 18.84 -22.47 -21.44
C LYS D 104 17.59 -21.77 -21.93
N LEU D 105 17.62 -20.47 -22.26
CA LEU D 105 16.37 -19.83 -22.68
C LEU D 105 16.25 -19.72 -24.19
N GLY D 106 17.33 -19.91 -24.93
CA GLY D 106 17.30 -19.86 -26.37
C GLY D 106 16.12 -20.55 -27.00
N PRO D 107 15.80 -21.78 -26.66
CA PRO D 107 14.68 -22.43 -27.35
C PRO D 107 13.36 -21.75 -27.05
N HIS D 108 13.29 -20.90 -26.02
CA HIS D 108 12.00 -20.28 -25.73
C HIS D 108 11.99 -18.80 -26.15
N ARG D 109 13.04 -18.36 -26.83
CA ARG D 109 13.15 -16.94 -27.17
C ARG D 109 11.92 -16.41 -27.89
N LYS D 110 11.47 -17.11 -28.92
CA LYS D 110 10.35 -16.60 -29.70
C LYS D 110 9.09 -16.49 -28.85
N ALA D 111 8.76 -17.53 -28.06
CA ALA D 111 7.60 -17.43 -27.20
C ALA D 111 7.74 -16.33 -26.15
N LEU D 112 8.96 -16.15 -25.63
CA LEU D 112 9.13 -15.14 -24.57
C LEU D 112 8.97 -13.75 -25.16
N VAL D 113 9.56 -13.51 -26.32
CA VAL D 113 9.43 -12.20 -26.95
C VAL D 113 7.98 -11.96 -27.36
N ASP D 114 7.38 -13.04 -27.88
CA ASP D 114 5.97 -12.92 -28.28
C ASP D 114 5.09 -12.51 -27.10
N SER D 115 5.33 -13.10 -25.94
CA SER D 115 4.58 -12.79 -24.74
C SER D 115 4.74 -11.33 -24.34
N LEU D 116 6.00 -10.87 -24.32
CA LEU D 116 6.20 -9.46 -23.93
C LEU D 116 5.50 -8.55 -24.92
N SER D 117 5.65 -8.90 -26.19
CA SER D 117 5.08 -8.05 -27.24
C SER D 117 3.58 -7.94 -27.03
N ARG D 118 2.99 -9.10 -26.72
CA ARG D 118 1.54 -9.10 -26.55
C ARG D 118 1.11 -8.40 -25.28
N LEU D 119 1.81 -8.61 -24.17
CA LEU D 119 1.44 -7.98 -22.91
C LEU D 119 1.64 -6.47 -22.93
N MET D 120 2.71 -6.00 -23.53
CA MET D 120 3.04 -4.57 -23.48
C MET D 120 2.54 -3.85 -24.74
N ARG D 121 1.90 -4.60 -25.64
CA ARG D 121 1.38 -4.06 -26.90
C ARG D 121 2.45 -3.32 -27.69
N LEU D 122 3.64 -3.88 -27.76
CA LEU D 122 4.74 -3.30 -28.53
C LEU D 122 5.09 -4.18 -29.73
N PRO D 123 5.52 -3.61 -30.84
CA PRO D 123 5.99 -4.48 -31.93
C PRO D 123 7.27 -5.21 -31.49
N GLN D 124 7.52 -6.31 -32.20
CA GLN D 124 8.62 -7.17 -31.80
C GLN D 124 9.98 -6.49 -31.88
N ASP D 125 10.16 -5.47 -32.72
CA ASP D 125 11.46 -4.82 -32.81
C ASP D 125 11.65 -3.79 -31.69
N ARG D 126 10.62 -3.57 -30.91
CA ARG D 126 10.64 -2.75 -29.70
C ARG D 126 10.64 -3.55 -28.40
N ILE D 127 10.82 -4.85 -28.53
CA ILE D 127 11.08 -5.73 -27.39
C ILE D 127 12.54 -6.16 -27.49
N GLY D 128 13.36 -5.73 -26.55
CA GLY D 128 14.80 -6.04 -26.64
C GLY D 128 15.11 -7.04 -25.57
N LEU D 129 15.02 -8.33 -25.86
CA LEU D 129 15.25 -9.30 -24.76
C LEU D 129 16.56 -10.01 -24.96
N THR D 130 17.48 -10.00 -24.03
CA THR D 130 18.74 -10.73 -24.21
C THR D 130 18.96 -11.68 -23.03
N PHE D 131 19.62 -12.80 -23.26
CA PHE D 131 19.85 -13.81 -22.25
C PHE D 131 21.31 -13.95 -21.86
N LYS D 132 21.63 -14.12 -20.59
CA LYS D 132 22.98 -14.30 -20.10
C LYS D 132 23.02 -15.37 -19.03
N THR D 133 24.18 -15.99 -18.84
CA THR D 133 24.44 -16.80 -17.67
C THR D 133 25.22 -15.96 -16.68
N SER D 134 25.40 -16.37 -15.44
CA SER D 134 26.14 -15.60 -14.43
C SER D 134 27.62 -15.95 -14.38
N GLU D 135 28.01 -16.95 -15.17
CA GLU D 135 29.41 -17.37 -15.15
C GLU D 135 29.83 -17.77 -13.76
N GLY D 136 28.87 -18.32 -13.02
CA GLY D 136 29.08 -18.74 -11.66
C GLY D 136 28.99 -17.65 -10.61
N LEU D 137 28.77 -16.40 -10.97
CA LEU D 137 28.56 -15.31 -10.04
C LEU D 137 27.27 -15.47 -9.23
N ALA D 138 26.20 -15.97 -9.84
CA ALA D 138 24.94 -16.17 -9.12
C ALA D 138 24.25 -17.41 -9.60
N PRO D 139 24.82 -18.56 -9.24
CA PRO D 139 24.32 -19.84 -9.73
C PRO D 139 22.95 -20.22 -9.21
N SER D 140 22.46 -19.57 -8.17
CA SER D 140 21.17 -20.01 -7.61
C SER D 140 20.12 -18.91 -7.65
N HIS D 141 20.33 -17.97 -8.57
CA HIS D 141 19.34 -16.91 -8.73
C HIS D 141 18.97 -16.64 -10.18
N VAL D 142 17.75 -16.14 -10.39
CA VAL D 142 17.45 -15.53 -11.69
C VAL D 142 17.46 -14.01 -11.49
N GLN D 143 18.06 -13.27 -12.41
CA GLN D 143 18.17 -11.81 -12.33
C GLN D 143 17.56 -11.17 -13.57
N ALA D 144 16.88 -10.04 -13.37
CA ALA D 144 16.34 -9.27 -14.48
C ALA D 144 16.65 -7.77 -14.28
N ARG D 145 17.11 -7.14 -15.34
CA ARG D 145 17.27 -5.68 -15.36
C ARG D 145 16.60 -5.14 -16.62
N ALA D 146 15.81 -4.10 -16.47
CA ALA D 146 14.99 -3.61 -17.56
C ALA D 146 15.04 -2.08 -17.68
N VAL D 147 15.05 -1.62 -18.92
CA VAL D 147 14.89 -0.18 -19.21
C VAL D 147 13.64 0.01 -20.07
N VAL D 148 12.80 0.98 -19.74
CA VAL D 148 11.66 1.25 -20.62
C VAL D 148 11.75 2.69 -21.12
N LEU D 149 11.21 2.90 -22.32
CA LEU D 149 11.17 4.25 -22.90
C LEU D 149 9.74 4.60 -23.27
N LEU D 150 9.24 5.78 -22.88
CA LEU D 150 7.85 6.15 -23.14
C LEU D 150 7.78 7.54 -23.78
N ASP D 151 6.76 7.71 -24.59
CA ASP D 151 6.31 8.79 -25.42
C ASP D 151 7.17 9.03 -26.66
N ARG E 2 15.41 5.24 -29.97
CA ARG E 2 15.55 3.90 -29.44
C ARG E 2 16.58 3.76 -28.32
N ILE E 3 16.30 2.81 -27.42
CA ILE E 3 17.27 2.48 -26.38
C ILE E 3 17.56 0.99 -26.36
N GLY E 4 18.74 0.62 -25.92
CA GLY E 4 19.10 -0.75 -25.68
C GLY E 4 19.90 -0.89 -24.39
N TYR E 5 19.75 -2.07 -23.76
CA TYR E 5 20.46 -2.36 -22.51
C TYR E 5 21.13 -3.72 -22.60
N GLY E 6 22.39 -3.87 -22.22
CA GLY E 6 23.14 -5.10 -22.41
C GLY E 6 24.02 -5.38 -21.21
N GLU E 7 24.27 -6.65 -20.89
CA GLU E 7 25.15 -6.97 -19.79
C GLU E 7 26.11 -8.11 -20.16
N ASP E 8 27.26 -8.16 -19.49
CA ASP E 8 28.10 -9.36 -19.63
C ASP E 8 29.03 -9.46 -18.44
N SER E 9 29.49 -10.67 -18.16
CA SER E 9 30.42 -10.84 -17.04
C SER E 9 31.26 -12.09 -17.32
N HIS E 10 32.52 -12.07 -16.87
CA HIS E 10 33.36 -13.25 -17.03
C HIS E 10 34.12 -13.46 -15.73
N ARG E 11 34.35 -14.74 -15.48
CA ARG E 11 35.25 -15.20 -14.42
C ARG E 11 36.66 -14.73 -14.77
N LEU E 12 37.46 -14.31 -13.81
CA LEU E 12 38.83 -13.83 -13.98
C LEU E 12 39.84 -14.83 -13.42
N GLU E 13 40.73 -15.28 -14.29
CA GLU E 13 41.72 -16.31 -13.97
C GLU E 13 43.15 -15.79 -14.02
N GLU E 14 43.95 -16.16 -13.04
CA GLU E 14 45.36 -15.83 -13.01
C GLU E 14 46.06 -16.13 -14.34
N GLY E 15 46.93 -15.20 -14.72
CA GLY E 15 47.80 -15.41 -15.87
C GLY E 15 47.07 -15.52 -17.18
N ARG E 16 45.90 -14.88 -17.28
CA ARG E 16 45.21 -15.00 -18.58
C ARG E 16 45.11 -13.59 -19.15
N PRO E 17 45.00 -13.44 -20.46
CA PRO E 17 44.89 -12.10 -21.05
C PRO E 17 43.56 -11.43 -20.70
N LEU E 18 43.62 -10.15 -20.34
CA LEU E 18 42.41 -9.39 -20.10
C LEU E 18 42.14 -8.39 -21.23
N TYR E 19 40.99 -8.56 -21.87
CA TYR E 19 40.56 -7.61 -22.90
C TYR E 19 39.36 -6.83 -22.43
N LEU E 20 39.44 -5.49 -22.55
CA LEU E 20 38.31 -4.62 -22.25
C LEU E 20 38.23 -3.49 -23.27
N CYS E 21 37.02 -3.32 -23.82
CA CYS E 21 36.87 -2.25 -24.82
C CYS E 21 37.79 -2.47 -26.01
N GLY E 22 38.18 -3.71 -26.31
CA GLY E 22 39.09 -3.97 -27.40
C GLY E 22 40.57 -3.90 -27.09
N LEU E 23 40.93 -3.50 -25.88
CA LEU E 23 42.28 -3.22 -25.44
C LEU E 23 42.83 -4.33 -24.55
N LEU E 24 44.07 -4.72 -24.79
CA LEU E 24 44.82 -5.57 -23.89
C LEU E 24 45.16 -4.78 -22.62
N ILE E 25 44.64 -5.18 -21.45
CA ILE E 25 44.94 -4.54 -20.18
C ILE E 25 46.00 -5.28 -19.36
N PRO E 26 47.13 -4.64 -19.10
CA PRO E 26 48.12 -5.22 -18.19
C PRO E 26 47.42 -5.67 -16.90
N SER E 27 47.50 -6.94 -16.55
CA SER E 27 46.77 -7.47 -15.41
C SER E 27 47.23 -8.83 -14.92
N PRO E 28 47.16 -9.03 -13.60
CA PRO E 28 47.44 -10.33 -13.01
C PRO E 28 46.41 -11.40 -13.37
N VAL E 29 45.22 -10.97 -13.82
CA VAL E 29 44.17 -11.91 -14.20
C VAL E 29 43.49 -11.46 -15.50
N GLY E 30 42.96 -12.45 -16.17
CA GLY E 30 42.35 -12.32 -17.47
C GLY E 30 41.09 -13.15 -17.51
N ALA E 31 40.26 -12.90 -18.51
CA ALA E 31 38.95 -13.54 -18.44
C ALA E 31 39.07 -14.99 -18.87
N LEU E 32 38.45 -15.84 -18.06
CA LEU E 32 38.35 -17.25 -18.46
C LEU E 32 37.13 -17.38 -19.36
N ALA E 33 37.34 -17.79 -20.61
CA ALA E 33 36.25 -17.82 -21.57
C ALA E 33 36.61 -18.37 -22.95
N HIS E 34 35.57 -18.76 -23.69
CA HIS E 34 35.63 -19.22 -25.08
C HIS E 34 36.19 -18.12 -25.99
N SER E 35 35.49 -17.00 -26.01
CA SER E 35 35.82 -15.77 -26.71
C SER E 35 36.97 -15.04 -26.04
N ASP E 36 37.29 -13.83 -26.53
CA ASP E 36 38.29 -13.01 -25.83
C ASP E 36 37.80 -12.51 -24.47
N GLY E 37 36.58 -12.84 -24.06
CA GLY E 37 36.07 -12.48 -22.76
C GLY E 37 35.90 -10.99 -22.54
N ASP E 38 35.76 -10.22 -23.61
CA ASP E 38 35.69 -8.77 -23.45
C ASP E 38 34.28 -8.36 -23.04
N ALA E 39 34.05 -8.20 -21.73
CA ALA E 39 32.72 -7.95 -21.20
C ALA E 39 32.14 -6.61 -21.67
N ALA E 40 33.03 -5.64 -21.83
CA ALA E 40 32.61 -4.33 -22.29
C ALA E 40 31.99 -4.43 -23.68
N MET E 41 32.77 -5.03 -24.58
CA MET E 41 32.29 -5.18 -25.95
C MET E 41 31.03 -6.02 -26.02
N HIS E 42 30.94 -7.12 -25.25
CA HIS E 42 29.76 -7.97 -25.33
C HIS E 42 28.52 -7.21 -24.87
N ALA E 43 28.69 -6.49 -23.76
CA ALA E 43 27.54 -5.76 -23.25
C ALA E 43 27.04 -4.73 -24.25
N LEU E 44 27.97 -3.98 -24.85
CA LEU E 44 27.59 -2.97 -25.85
C LEU E 44 26.94 -3.62 -27.06
N THR E 45 27.47 -4.80 -27.44
CA THR E 45 26.90 -5.49 -28.61
C THR E 45 25.48 -5.93 -28.36
N ASP E 46 25.21 -6.60 -27.23
CA ASP E 46 23.86 -6.97 -26.86
C ASP E 46 22.94 -5.76 -26.80
N ALA E 47 23.47 -4.66 -26.23
CA ALA E 47 22.66 -3.45 -26.11
C ALA E 47 22.21 -2.97 -27.48
N LEU E 48 23.15 -2.95 -28.43
CA LEU E 48 22.77 -2.56 -29.79
C LEU E 48 21.76 -3.49 -30.43
N LEU E 49 22.00 -4.81 -30.35
CA LEU E 49 21.05 -5.78 -30.89
C LEU E 49 19.67 -5.61 -30.26
N SER E 50 19.68 -5.43 -28.93
CA SER E 50 18.42 -5.34 -28.18
C SER E 50 17.61 -4.13 -28.63
N ALA E 51 18.30 -3.06 -29.04
CA ALA E 51 17.61 -1.84 -29.46
C ALA E 51 16.71 -2.05 -30.68
N TYR E 52 16.95 -3.12 -31.44
CA TYR E 52 16.11 -3.46 -32.57
C TYR E 52 15.49 -4.83 -32.42
N GLY E 53 15.52 -5.43 -31.23
CA GLY E 53 14.95 -6.75 -30.95
C GLY E 53 15.53 -7.84 -31.80
N LEU E 54 16.81 -7.67 -32.18
CA LEU E 54 17.42 -8.65 -33.09
C LEU E 54 17.92 -9.91 -32.41
N GLY E 55 17.89 -10.03 -31.09
CA GLY E 55 18.39 -11.18 -30.37
C GLY E 55 19.53 -10.80 -29.44
N ASP E 56 20.55 -11.63 -29.40
CA ASP E 56 21.71 -11.40 -28.54
C ASP E 56 22.93 -12.08 -29.16
N ILE E 57 24.09 -11.87 -28.54
CA ILE E 57 25.31 -12.41 -29.16
C ILE E 57 25.33 -13.92 -29.16
N GLY E 58 24.63 -14.51 -28.20
CA GLY E 58 24.61 -15.99 -28.15
C GLY E 58 23.84 -16.54 -29.33
N LEU E 59 22.76 -15.84 -29.72
CA LEU E 59 21.97 -16.23 -30.88
C LEU E 59 22.73 -15.95 -32.17
N LEU E 60 23.23 -14.72 -32.29
CA LEU E 60 23.74 -14.25 -33.59
C LEU E 60 25.19 -14.63 -33.85
N PHE E 61 26.00 -14.91 -32.82
CA PHE E 61 27.43 -15.19 -33.05
C PHE E 61 27.86 -16.49 -32.40
N PRO E 62 27.23 -17.60 -32.80
CA PRO E 62 27.58 -18.88 -32.19
C PRO E 62 28.87 -19.43 -32.77
N ASP E 63 29.56 -20.19 -31.92
CA ASP E 63 30.84 -20.74 -32.32
C ASP E 63 30.68 -21.85 -33.35
N THR E 64 29.44 -22.23 -33.62
CA THR E 64 29.14 -23.17 -34.68
C THR E 64 29.35 -22.51 -36.03
N ASP E 65 29.34 -21.17 -36.08
CA ASP E 65 29.46 -20.56 -37.41
C ASP E 65 30.90 -20.17 -37.67
N PRO E 66 31.49 -20.68 -38.73
CA PRO E 66 32.90 -20.39 -39.02
C PRO E 66 33.19 -18.90 -39.19
N ARG E 67 32.22 -18.09 -39.58
CA ARG E 67 32.34 -16.64 -39.67
C ARG E 67 32.74 -15.94 -38.37
N TRP E 68 32.21 -16.46 -37.26
CA TRP E 68 32.27 -15.81 -35.97
C TRP E 68 33.22 -16.52 -35.01
N ARG E 69 33.36 -17.83 -35.24
CA ARG E 69 34.21 -18.59 -34.34
C ARG E 69 35.64 -18.06 -34.38
N GLY E 70 36.18 -17.79 -33.19
CA GLY E 70 37.55 -17.32 -33.13
C GLY E 70 37.70 -15.83 -33.32
N GLU E 71 36.63 -15.12 -33.69
CA GLU E 71 36.77 -13.67 -33.96
C GLU E 71 36.90 -12.82 -32.70
N ARG E 72 37.69 -11.76 -32.75
CA ARG E 72 37.75 -10.86 -31.59
C ARG E 72 36.42 -10.12 -31.49
N SER E 73 36.06 -9.69 -30.28
CA SER E 73 34.72 -9.17 -30.02
C SER E 73 34.37 -7.95 -30.85
N GLU E 74 35.35 -7.17 -31.29
CA GLU E 74 35.03 -6.00 -32.10
C GLU E 74 34.37 -6.40 -33.41
N VAL E 75 34.67 -7.62 -33.85
CA VAL E 75 33.97 -8.09 -35.04
C VAL E 75 32.48 -8.19 -34.80
N PHE E 76 32.05 -8.71 -33.65
CA PHE E 76 30.60 -8.79 -33.40
C PHE E 76 29.96 -7.41 -33.22
N LEU E 77 30.68 -6.52 -32.52
CA LEU E 77 30.12 -5.18 -32.33
C LEU E 77 29.89 -4.52 -33.67
N ARG E 78 30.90 -4.65 -34.53
CA ARG E 78 30.76 -3.93 -35.81
C ARG E 78 29.64 -4.51 -36.65
N GLU E 79 29.40 -5.83 -36.52
CA GLU E 79 28.29 -6.46 -37.23
C GLU E 79 26.96 -6.03 -36.62
N ALA E 80 26.90 -5.92 -35.29
CA ALA E 80 25.69 -5.38 -34.69
C ALA E 80 25.41 -3.97 -35.24
N MET E 81 26.47 -3.18 -35.30
CA MET E 81 26.34 -1.82 -35.83
C MET E 81 25.82 -1.87 -37.27
N ARG E 82 26.36 -2.79 -38.06
CA ARG E 82 25.94 -2.92 -39.45
C ARG E 82 24.45 -3.23 -39.52
N LEU E 83 24.04 -4.20 -38.70
CA LEU E 83 22.63 -4.61 -38.75
C LEU E 83 21.68 -3.48 -38.35
N VAL E 84 22.02 -2.71 -37.32
CA VAL E 84 21.07 -1.67 -36.90
C VAL E 84 21.12 -0.50 -37.88
N GLU E 85 22.32 -0.22 -38.40
CA GLU E 85 22.43 0.80 -39.45
C GLU E 85 21.57 0.49 -40.66
N ALA E 86 21.55 -0.77 -41.07
CA ALA E 86 20.76 -1.17 -42.25
C ALA E 86 19.28 -0.98 -41.97
N ARG E 87 18.91 -0.87 -40.69
CA ARG E 87 17.50 -0.64 -40.35
C ARG E 87 17.26 0.85 -40.10
N GLY E 88 18.18 1.73 -40.48
CA GLY E 88 17.96 3.14 -40.31
C GLY E 88 18.51 3.71 -39.02
N ALA E 89 19.11 2.92 -38.15
CA ALA E 89 19.65 3.47 -36.90
C ALA E 89 20.82 4.41 -37.05
N LYS E 90 20.78 5.47 -36.24
CA LYS E 90 21.91 6.38 -36.06
C LYS E 90 22.35 6.35 -34.60
N LEU E 91 23.42 5.60 -34.30
CA LEU E 91 23.87 5.51 -32.90
C LEU E 91 24.24 6.91 -32.39
N LEU E 92 23.77 7.25 -31.20
CA LEU E 92 23.94 8.59 -30.64
C LEU E 92 24.87 8.55 -29.45
N GLN E 93 24.71 7.54 -28.59
CA GLN E 93 25.47 7.53 -27.34
C GLN E 93 25.58 6.13 -26.74
N ALA E 94 26.64 5.88 -26.00
CA ALA E 94 26.85 4.67 -25.23
C ALA E 94 27.34 5.02 -23.83
N SER E 95 26.66 4.53 -22.80
CA SER E 95 27.08 4.78 -21.42
C SER E 95 27.22 3.43 -20.73
N LEU E 96 28.38 3.12 -20.20
CA LEU E 96 28.51 1.82 -19.54
C LEU E 96 29.41 1.85 -18.32
N VAL E 97 29.23 0.80 -17.53
CA VAL E 97 29.92 0.65 -16.26
C VAL E 97 30.69 -0.67 -16.23
N LEU E 98 31.98 -0.60 -15.92
CA LEU E 98 32.83 -1.78 -15.81
C LEU E 98 33.15 -1.95 -14.33
N THR E 99 32.90 -3.13 -13.80
CA THR E 99 33.09 -3.43 -12.39
C THR E 99 34.10 -4.57 -12.28
N LEU E 100 35.16 -4.31 -11.54
CA LEU E 100 36.14 -5.38 -11.27
C LEU E 100 37.09 -4.89 -10.18
N ASP E 101 37.53 -5.81 -9.34
CA ASP E 101 38.29 -5.45 -8.13
C ASP E 101 39.76 -5.22 -8.46
N ARG E 102 40.24 -5.84 -9.52
CA ARG E 102 41.59 -5.56 -10.00
C ARG E 102 41.71 -6.06 -11.45
N PRO E 103 42.60 -5.45 -12.21
CA PRO E 103 43.44 -4.35 -11.72
C PRO E 103 42.68 -3.03 -11.80
N LYS E 104 43.33 -1.91 -11.52
CA LYS E 104 42.75 -0.60 -11.69
C LYS E 104 42.61 -0.29 -13.17
N LEU E 105 41.49 0.29 -13.58
CA LEU E 105 41.30 0.74 -14.95
C LEU E 105 41.63 2.21 -15.16
N GLY E 106 41.69 3.01 -14.09
CA GLY E 106 41.95 4.44 -14.16
C GLY E 106 43.13 4.81 -15.03
N PRO E 107 44.28 4.15 -14.89
CA PRO E 107 45.40 4.51 -15.78
C PRO E 107 45.12 4.26 -17.24
N HIS E 108 44.07 3.51 -17.58
CA HIS E 108 43.85 3.17 -18.98
C HIS E 108 42.65 3.90 -19.54
N ARG E 109 42.13 4.86 -18.77
CA ARG E 109 40.91 5.54 -19.21
C ARG E 109 41.00 6.14 -20.59
N LYS E 110 42.11 6.82 -20.92
CA LYS E 110 42.09 7.51 -22.21
C LYS E 110 42.06 6.53 -23.38
N ALA E 111 42.85 5.46 -23.24
CA ALA E 111 42.93 4.42 -24.27
C ALA E 111 41.61 3.65 -24.36
N LEU E 112 40.98 3.41 -23.21
CA LEU E 112 39.68 2.74 -23.26
C LEU E 112 38.62 3.58 -23.94
N VAL E 113 38.51 4.86 -23.53
CA VAL E 113 37.52 5.72 -24.17
C VAL E 113 37.82 5.93 -25.65
N ASP E 114 39.11 6.07 -26.00
CA ASP E 114 39.40 6.28 -27.43
C ASP E 114 39.00 5.06 -28.25
N SER E 115 39.19 3.88 -27.66
CA SER E 115 38.88 2.67 -28.45
C SER E 115 37.39 2.62 -28.74
N LEU E 116 36.55 2.85 -27.71
CA LEU E 116 35.12 2.88 -27.91
C LEU E 116 34.69 3.97 -28.88
N SER E 117 35.31 5.16 -28.75
CA SER E 117 35.02 6.28 -29.64
C SER E 117 35.27 5.89 -31.10
N ARG E 118 36.41 5.24 -31.34
CA ARG E 118 36.80 4.78 -32.65
C ARG E 118 35.88 3.65 -33.13
N LEU E 119 35.72 2.63 -32.27
CA LEU E 119 34.91 1.49 -32.72
C LEU E 119 33.46 1.87 -33.00
N MET E 120 32.85 2.69 -32.16
CA MET E 120 31.44 3.06 -32.31
C MET E 120 31.26 4.36 -33.10
N ARG E 121 32.33 5.00 -33.54
CA ARG E 121 32.31 6.24 -34.30
C ARG E 121 31.46 7.30 -33.61
N LEU E 122 31.72 7.46 -32.32
CA LEU E 122 31.07 8.50 -31.55
C LEU E 122 32.13 9.43 -30.98
N PRO E 123 31.78 10.71 -30.84
CA PRO E 123 32.70 11.65 -30.20
C PRO E 123 32.88 11.27 -28.73
N GLN E 124 34.00 11.71 -28.17
CA GLN E 124 34.27 11.32 -26.79
C GLN E 124 33.19 11.77 -25.84
N ASP E 125 32.46 12.86 -26.10
CA ASP E 125 31.51 13.26 -25.05
C ASP E 125 30.27 12.37 -25.07
N ARG E 126 30.21 11.45 -26.01
CA ARG E 126 29.05 10.55 -26.14
C ARG E 126 29.43 9.10 -25.82
N ILE E 127 30.65 8.95 -25.31
CA ILE E 127 31.14 7.75 -24.66
C ILE E 127 31.21 7.97 -23.14
N GLY E 128 30.30 7.36 -22.41
CA GLY E 128 30.16 7.48 -20.97
C GLY E 128 30.64 6.20 -20.31
N LEU E 129 31.91 6.20 -19.91
CA LEU E 129 32.56 5.02 -19.38
C LEU E 129 32.91 5.24 -17.93
N THR E 130 32.35 4.46 -17.01
CA THR E 130 32.76 4.62 -15.61
C THR E 130 33.31 3.32 -15.05
N PHE E 131 34.19 3.37 -14.06
CA PHE E 131 34.86 2.21 -13.49
C PHE E 131 34.54 2.06 -12.00
N LYS E 132 34.23 0.85 -11.58
CA LYS E 132 33.90 0.52 -10.20
C LYS E 132 34.64 -0.71 -9.74
N THR E 133 34.94 -0.84 -8.45
CA THR E 133 35.26 -2.17 -7.94
C THR E 133 33.94 -2.75 -7.39
N SER E 134 33.96 -4.03 -7.07
CA SER E 134 32.75 -4.65 -6.52
C SER E 134 32.76 -4.61 -4.99
N GLU E 135 33.74 -3.95 -4.39
CA GLU E 135 33.86 -3.95 -2.92
C GLU E 135 33.81 -5.36 -2.35
N GLY E 136 34.43 -6.34 -3.01
CA GLY E 136 34.43 -7.67 -2.42
C GLY E 136 33.21 -8.51 -2.70
N LEU E 137 32.22 -7.96 -3.36
CA LEU E 137 31.02 -8.71 -3.72
C LEU E 137 31.34 -9.68 -4.87
N ALA E 138 32.18 -9.30 -5.83
CA ALA E 138 32.46 -10.12 -7.00
C ALA E 138 33.94 -10.09 -7.40
N PRO E 139 34.79 -10.56 -6.51
CA PRO E 139 36.24 -10.36 -6.61
C PRO E 139 36.92 -11.20 -7.67
N SER E 140 36.18 -12.12 -8.28
CA SER E 140 36.71 -13.07 -9.22
C SER E 140 36.08 -12.95 -10.60
N HIS E 141 35.39 -11.82 -10.82
CA HIS E 141 34.68 -11.58 -12.06
C HIS E 141 34.86 -10.17 -12.58
N VAL E 142 34.74 -10.06 -13.90
CA VAL E 142 34.58 -8.71 -14.47
C VAL E 142 33.13 -8.59 -14.93
N GLN E 143 32.49 -7.44 -14.70
CA GLN E 143 31.12 -7.26 -15.11
C GLN E 143 30.97 -5.99 -15.93
N ALA E 144 30.08 -6.00 -16.91
CA ALA E 144 29.81 -4.76 -17.63
C ALA E 144 28.31 -4.64 -17.85
N ARG E 145 27.79 -3.43 -17.75
CA ARG E 145 26.41 -3.13 -18.05
C ARG E 145 26.38 -1.86 -18.88
N ALA E 146 25.59 -1.84 -19.94
CA ALA E 146 25.71 -0.78 -20.92
C ALA E 146 24.32 -0.35 -21.38
N VAL E 147 24.10 0.93 -21.60
CA VAL E 147 22.94 1.47 -22.26
C VAL E 147 23.33 2.19 -23.54
N VAL E 148 22.57 2.01 -24.61
CA VAL E 148 22.83 2.76 -25.85
C VAL E 148 21.55 3.50 -26.22
N LEU E 149 21.74 4.64 -26.87
CA LEU E 149 20.72 5.51 -27.39
C LEU E 149 20.94 5.73 -28.89
N LEU E 150 19.90 5.54 -29.68
CA LEU E 150 19.97 5.67 -31.14
C LEU E 150 18.86 6.59 -31.70
N ASP E 151 19.25 7.35 -32.69
CA ASP E 151 18.63 8.29 -33.60
C ASP E 151 18.71 9.76 -33.21
N ARG F 2 20.31 13.10 -24.10
CA ARG F 2 21.41 12.38 -23.47
C ARG F 2 20.94 11.44 -22.37
N ILE F 3 21.70 10.36 -22.25
CA ILE F 3 21.39 9.41 -21.19
C ILE F 3 22.69 9.05 -20.47
N GLY F 4 22.61 8.75 -19.18
CA GLY F 4 23.78 8.25 -18.48
C GLY F 4 23.38 7.09 -17.58
N TYR F 5 24.33 6.21 -17.29
CA TYR F 5 24.10 5.03 -16.44
C TYR F 5 25.23 4.93 -15.42
N GLY F 6 24.93 4.70 -14.15
CA GLY F 6 25.98 4.64 -13.13
C GLY F 6 25.61 3.59 -12.10
N GLU F 7 26.62 3.05 -11.43
CA GLU F 7 26.40 2.05 -10.39
C GLU F 7 27.27 2.35 -9.16
N ASP F 8 26.83 1.86 -8.00
CA ASP F 8 27.76 1.94 -6.88
C ASP F 8 27.39 0.81 -5.94
N SER F 9 28.36 0.36 -5.17
CA SER F 9 27.98 -0.56 -4.09
C SER F 9 28.98 -0.31 -2.96
N HIS F 10 28.55 -0.60 -1.74
CA HIS F 10 29.40 -0.41 -0.58
C HIS F 10 29.20 -1.59 0.37
N ARG F 11 30.27 -2.06 1.01
CA ARG F 11 30.10 -3.09 2.04
C ARG F 11 29.42 -2.43 3.24
N LEU F 12 28.60 -3.21 3.93
CA LEU F 12 27.93 -2.69 5.12
C LEU F 12 28.53 -3.31 6.38
N GLU F 13 28.75 -2.51 7.42
CA GLU F 13 29.23 -3.09 8.69
C GLU F 13 28.46 -2.50 9.86
N GLU F 14 28.30 -3.31 10.92
CA GLU F 14 27.48 -2.95 12.06
C GLU F 14 28.00 -1.66 12.69
N GLY F 15 27.10 -0.83 13.24
CA GLY F 15 27.58 0.29 14.01
C GLY F 15 28.04 1.46 13.18
N ARG F 16 27.80 1.45 11.87
CA ARG F 16 28.22 2.63 11.10
C ARG F 16 26.95 3.34 10.61
N PRO F 17 26.99 4.63 10.41
CA PRO F 17 25.77 5.33 9.97
C PRO F 17 25.51 5.04 8.50
N LEU F 18 24.23 4.93 8.15
CA LEU F 18 23.81 4.64 6.79
C LEU F 18 23.32 5.92 6.13
N TYR F 19 23.98 6.24 5.01
CA TYR F 19 23.55 7.40 4.24
C TYR F 19 23.01 6.98 2.89
N LEU F 20 21.78 7.38 2.62
CA LEU F 20 21.22 7.14 1.29
C LEU F 20 20.49 8.37 0.78
N CYS F 21 20.74 8.72 -0.46
CA CYS F 21 20.04 9.87 -1.05
C CYS F 21 20.27 11.16 -0.27
N GLY F 22 21.40 11.24 0.42
CA GLY F 22 21.73 12.44 1.18
C GLY F 22 21.32 12.42 2.65
N LEU F 23 20.54 11.43 3.06
CA LEU F 23 19.97 11.30 4.39
C LEU F 23 20.61 10.20 5.23
N LEU F 24 20.76 10.51 6.52
CA LEU F 24 21.09 9.48 7.50
C LEU F 24 19.85 8.61 7.66
N ILE F 25 19.97 7.31 7.47
CA ILE F 25 18.88 6.36 7.65
C ILE F 25 19.15 5.47 8.86
N PRO F 26 18.38 5.58 9.94
CA PRO F 26 18.59 4.74 11.13
C PRO F 26 18.73 3.27 10.73
N SER F 27 19.79 2.62 11.20
CA SER F 27 20.21 1.32 10.69
C SER F 27 21.21 0.61 11.60
N PRO F 28 21.13 -0.73 11.63
CA PRO F 28 22.10 -1.52 12.39
C PRO F 28 23.42 -1.53 11.66
N VAL F 29 23.42 -1.18 10.37
CA VAL F 29 24.65 -1.32 9.58
C VAL F 29 24.82 -0.13 8.64
N GLY F 30 26.06 0.18 8.28
CA GLY F 30 26.32 1.41 7.53
C GLY F 30 27.51 1.21 6.61
N ALA F 31 27.67 2.07 5.59
CA ALA F 31 28.76 1.67 4.69
C ALA F 31 30.09 2.04 5.33
N LEU F 32 30.99 1.06 5.33
CA LEU F 32 32.40 1.36 5.62
C LEU F 32 32.93 1.96 4.31
N ALA F 33 33.44 3.18 4.39
CA ALA F 33 33.90 3.74 3.11
C ALA F 33 34.86 4.88 3.39
N HIS F 34 35.60 5.26 2.36
CA HIS F 34 36.44 6.45 2.37
C HIS F 34 35.58 7.70 2.24
N SER F 35 34.35 7.47 1.78
CA SER F 35 33.27 8.41 1.60
C SER F 35 32.18 8.19 2.63
N ASP F 36 31.00 8.79 2.41
CA ASP F 36 29.91 8.46 3.34
C ASP F 36 29.29 7.15 2.88
N GLY F 37 29.83 6.51 1.84
CA GLY F 37 29.19 5.31 1.33
C GLY F 37 27.79 5.49 0.76
N ASP F 38 27.38 6.70 0.36
CA ASP F 38 26.00 6.90 -0.13
C ASP F 38 25.86 6.38 -1.55
N ALA F 39 25.47 5.10 -1.63
CA ALA F 39 25.50 4.46 -2.97
C ALA F 39 24.58 5.15 -3.95
N ALA F 40 23.47 5.72 -3.46
CA ALA F 40 22.51 6.37 -4.36
C ALA F 40 23.13 7.62 -4.95
N MET F 41 23.78 8.41 -4.09
CA MET F 41 24.41 9.65 -4.56
C MET F 41 25.53 9.30 -5.54
N HIS F 42 26.33 8.27 -5.22
CA HIS F 42 27.43 7.90 -6.12
C HIS F 42 26.94 7.42 -7.49
N ALA F 43 25.96 6.54 -7.51
CA ALA F 43 25.45 6.08 -8.81
C ALA F 43 24.87 7.21 -9.65
N LEU F 44 24.11 8.10 -9.01
CA LEU F 44 23.53 9.24 -9.73
C LEU F 44 24.63 10.18 -10.24
N THR F 45 25.65 10.41 -9.41
CA THR F 45 26.74 11.30 -9.85
C THR F 45 27.48 10.73 -11.05
N ASP F 46 27.84 9.45 -11.00
CA ASP F 46 28.46 8.79 -12.15
C ASP F 46 27.56 8.82 -13.39
N ALA F 47 26.27 8.58 -13.20
CA ALA F 47 25.34 8.62 -14.30
C ALA F 47 25.36 10.00 -14.94
N LEU F 48 25.34 11.07 -14.17
CA LEU F 48 25.38 12.42 -14.77
C LEU F 48 26.70 12.68 -15.50
N LEU F 49 27.82 12.30 -14.86
CA LEU F 49 29.10 12.52 -15.53
C LEU F 49 29.16 11.70 -16.83
N SER F 50 28.70 10.44 -16.71
CA SER F 50 28.78 9.55 -17.89
C SER F 50 27.99 10.11 -19.06
N ALA F 51 26.85 10.78 -18.83
CA ALA F 51 26.03 11.34 -19.91
C ALA F 51 26.76 12.44 -20.69
N TYR F 52 27.88 12.92 -20.14
CA TYR F 52 28.69 13.89 -20.88
C TYR F 52 30.11 13.40 -21.11
N GLY F 53 30.37 12.12 -20.81
CA GLY F 53 31.69 11.58 -21.05
C GLY F 53 32.74 12.26 -20.17
N LEU F 54 32.30 12.68 -18.98
CA LEU F 54 33.20 13.46 -18.12
C LEU F 54 34.10 12.64 -17.23
N GLY F 55 33.86 11.32 -17.18
CA GLY F 55 34.72 10.48 -16.33
C GLY F 55 33.84 9.84 -15.26
N ASP F 56 34.36 9.68 -14.06
CA ASP F 56 33.55 9.11 -12.97
C ASP F 56 34.00 9.69 -11.64
N ILE F 57 33.32 9.28 -10.56
CA ILE F 57 33.64 9.93 -9.28
C ILE F 57 35.04 9.59 -8.82
N GLY F 58 35.60 8.43 -9.18
CA GLY F 58 36.97 8.09 -8.77
C GLY F 58 37.99 9.00 -9.46
N LEU F 59 37.74 9.35 -10.71
CA LEU F 59 38.56 10.33 -11.40
C LEU F 59 38.37 11.73 -10.85
N LEU F 60 37.13 12.21 -10.72
CA LEU F 60 36.89 13.63 -10.49
C LEU F 60 36.87 14.03 -9.02
N PHE F 61 36.62 13.07 -8.13
CA PHE F 61 36.55 13.40 -6.71
C PHE F 61 37.47 12.54 -5.88
N PRO F 62 38.78 12.49 -6.16
CA PRO F 62 39.66 11.65 -5.34
C PRO F 62 39.95 12.25 -3.97
N ASP F 63 40.34 11.42 -3.02
CA ASP F 63 40.75 11.85 -1.69
C ASP F 63 42.04 12.65 -1.66
N THR F 64 42.82 12.61 -2.75
CA THR F 64 44.03 13.43 -2.82
C THR F 64 43.74 14.91 -2.97
N ASP F 65 42.56 15.20 -3.51
CA ASP F 65 42.12 16.58 -3.71
C ASP F 65 41.44 17.12 -2.46
N PRO F 66 42.06 18.10 -1.81
CA PRO F 66 41.46 18.73 -0.62
C PRO F 66 40.05 19.22 -0.83
N ARG F 67 39.57 19.56 -2.03
CA ARG F 67 38.22 20.14 -2.02
C ARG F 67 37.18 19.06 -1.79
N TRP F 68 37.60 17.83 -2.05
CA TRP F 68 36.64 16.74 -2.01
C TRP F 68 36.83 15.79 -0.84
N ARG F 69 38.04 15.59 -0.36
CA ARG F 69 38.20 14.60 0.73
C ARG F 69 37.40 14.98 1.98
N GLY F 70 36.72 13.99 2.57
CA GLY F 70 35.89 14.16 3.73
C GLY F 70 34.50 14.71 3.50
N GLU F 71 34.20 15.14 2.28
CA GLU F 71 32.98 15.84 1.94
C GLU F 71 31.82 14.89 1.68
N ARG F 72 30.62 15.41 1.96
CA ARG F 72 29.49 14.49 1.84
C ARG F 72 29.16 14.34 0.37
N SER F 73 28.60 13.20 0.00
CA SER F 73 28.49 12.89 -1.42
C SER F 73 27.66 13.87 -2.21
N GLU F 74 26.80 14.61 -1.49
CA GLU F 74 25.94 15.54 -2.19
C GLU F 74 26.74 16.64 -2.86
N VAL F 75 27.93 16.88 -2.29
CA VAL F 75 28.82 17.89 -2.84
C VAL F 75 29.28 17.41 -4.22
N PHE F 76 29.57 16.12 -4.35
CA PHE F 76 30.01 15.59 -5.65
C PHE F 76 28.88 15.65 -6.65
N LEU F 77 27.67 15.29 -6.21
CA LEU F 77 26.53 15.37 -7.12
C LEU F 77 26.32 16.80 -7.64
N ARG F 78 26.37 17.79 -6.76
CA ARG F 78 26.18 19.17 -7.16
C ARG F 78 27.22 19.61 -8.21
N GLU F 79 28.45 19.18 -7.98
CA GLU F 79 29.55 19.54 -8.90
C GLU F 79 29.30 18.89 -10.27
N ALA F 80 28.84 17.62 -10.26
CA ALA F 80 28.48 16.97 -11.52
C ALA F 80 27.37 17.75 -12.21
N MET F 81 26.38 18.20 -11.43
CA MET F 81 25.32 19.02 -11.99
C MET F 81 25.90 20.30 -12.58
N ARG F 82 26.83 20.93 -11.85
CA ARG F 82 27.45 22.16 -12.32
C ARG F 82 28.12 21.95 -13.68
N LEU F 83 28.90 20.88 -13.77
CA LEU F 83 29.62 20.59 -15.00
C LEU F 83 28.67 20.35 -16.16
N VAL F 84 27.60 19.58 -15.96
CA VAL F 84 26.80 19.29 -17.17
C VAL F 84 25.99 20.50 -17.54
N GLU F 85 25.61 21.27 -16.51
CA GLU F 85 24.82 22.48 -16.80
C GLU F 85 25.61 23.45 -17.65
N ALA F 86 26.90 23.58 -17.35
CA ALA F 86 27.83 24.45 -18.07
C ALA F 86 27.93 23.99 -19.52
N ARG F 87 27.62 22.71 -19.75
CA ARG F 87 27.69 22.25 -21.15
C ARG F 87 26.33 22.38 -21.81
N GLY F 88 25.43 23.07 -21.13
CA GLY F 88 24.11 23.34 -21.64
C GLY F 88 23.08 22.28 -21.30
N ALA F 89 23.43 21.37 -20.39
CA ALA F 89 22.51 20.29 -20.05
C ALA F 89 21.29 20.74 -19.26
N LYS F 90 20.17 20.07 -19.47
CA LYS F 90 18.99 20.28 -18.63
C LYS F 90 18.55 18.90 -18.14
N LEU F 91 18.96 18.53 -16.93
CA LEU F 91 18.51 17.27 -16.34
C LEU F 91 17.00 17.12 -16.39
N LEU F 92 16.54 15.94 -16.85
CA LEU F 92 15.09 15.77 -16.97
C LEU F 92 14.51 14.67 -16.08
N GLN F 93 15.29 13.63 -15.80
CA GLN F 93 14.75 12.47 -15.10
C GLN F 93 15.90 11.66 -14.52
N ALA F 94 15.59 10.99 -13.42
CA ALA F 94 16.52 10.09 -12.76
C ALA F 94 15.73 8.87 -12.28
N SER F 95 16.18 7.69 -12.71
CA SER F 95 15.52 6.45 -12.32
C SER F 95 16.55 5.54 -11.66
N LEU F 96 16.31 5.14 -10.42
CA LEU F 96 17.35 4.32 -9.82
C LEU F 96 16.80 3.26 -8.87
N VAL F 97 17.62 2.22 -8.70
CA VAL F 97 17.19 1.08 -7.89
C VAL F 97 18.17 0.93 -6.74
N LEU F 98 17.62 0.86 -5.53
CA LEU F 98 18.43 0.59 -4.36
C LEU F 98 18.20 -0.84 -3.85
N THR F 99 19.30 -1.57 -3.67
CA THR F 99 19.16 -2.96 -3.23
C THR F 99 19.92 -3.17 -1.93
N LEU F 100 19.18 -3.61 -0.92
CA LEU F 100 19.82 -3.97 0.33
C LEU F 100 18.83 -4.71 1.22
N ASP F 101 19.38 -5.56 2.08
CA ASP F 101 18.50 -6.48 2.82
C ASP F 101 17.97 -5.89 4.11
N ARG F 102 18.65 -4.91 4.68
CA ARG F 102 18.15 -4.18 5.84
C ARG F 102 18.87 -2.84 5.92
N PRO F 103 18.33 -1.80 6.53
CA PRO F 103 16.99 -1.80 7.13
C PRO F 103 15.95 -1.72 6.01
N LYS F 104 14.68 -1.70 6.34
CA LYS F 104 13.64 -1.45 5.35
C LYS F 104 13.62 0.01 4.96
N LEU F 105 13.59 0.28 3.65
CA LEU F 105 13.58 1.69 3.26
C LEU F 105 12.17 2.22 3.05
N GLY F 106 11.18 1.33 2.98
CA GLY F 106 9.80 1.75 2.81
C GLY F 106 9.35 2.93 3.66
N PRO F 107 9.57 2.89 4.97
CA PRO F 107 9.17 3.99 5.84
C PRO F 107 9.90 5.29 5.54
N HIS F 108 10.97 5.23 4.75
CA HIS F 108 11.72 6.44 4.43
C HIS F 108 11.46 6.96 3.03
N ARG F 109 10.59 6.28 2.28
CA ARG F 109 10.42 6.58 0.86
C ARG F 109 10.14 8.04 0.60
N LYS F 110 9.22 8.60 1.38
CA LYS F 110 8.85 10.00 1.16
C LYS F 110 10.07 10.90 1.31
N ALA F 111 10.80 10.69 2.40
CA ALA F 111 11.93 11.58 2.64
C ALA F 111 13.03 11.39 1.60
N LEU F 112 13.23 10.14 1.18
CA LEU F 112 14.28 9.91 0.18
C LEU F 112 13.96 10.53 -1.17
N VAL F 113 12.74 10.33 -1.65
CA VAL F 113 12.32 10.98 -2.88
C VAL F 113 12.40 12.52 -2.77
N ASP F 114 11.93 13.04 -1.63
CA ASP F 114 11.95 14.50 -1.47
C ASP F 114 13.38 15.03 -1.54
N SER F 115 14.28 14.27 -0.91
CA SER F 115 15.69 14.66 -0.94
C SER F 115 16.20 14.67 -2.37
N LEU F 116 15.94 13.57 -3.10
CA LEU F 116 16.42 13.54 -4.48
C LEU F 116 15.81 14.64 -5.32
N SER F 117 14.51 14.90 -5.12
CA SER F 117 13.83 15.97 -5.84
C SER F 117 14.42 17.35 -5.58
N ARG F 118 14.73 17.64 -4.32
CA ARG F 118 15.32 18.93 -3.99
C ARG F 118 16.76 19.07 -4.50
N LEU F 119 17.57 18.03 -4.31
CA LEU F 119 18.97 18.08 -4.75
C LEU F 119 19.12 18.19 -6.26
N MET F 120 18.31 17.42 -7.01
CA MET F 120 18.46 17.44 -8.47
C MET F 120 17.52 18.43 -9.14
N ARG F 121 16.66 19.12 -8.40
CA ARG F 121 15.69 20.09 -8.84
C ARG F 121 14.77 19.51 -9.91
N LEU F 122 14.22 18.34 -9.59
CA LEU F 122 13.28 17.65 -10.45
C LEU F 122 11.92 17.46 -9.79
N PRO F 123 10.85 17.55 -10.55
CA PRO F 123 9.54 17.25 -9.96
C PRO F 123 9.52 15.80 -9.46
N GLN F 124 8.75 15.50 -8.43
CA GLN F 124 8.78 14.14 -7.87
C GLN F 124 8.38 13.07 -8.86
N ASP F 125 7.63 13.41 -9.91
CA ASP F 125 7.25 12.40 -10.91
C ASP F 125 8.41 12.04 -11.83
N ARG F 126 9.50 12.82 -11.74
CA ARG F 126 10.68 12.57 -12.55
C ARG F 126 11.80 11.98 -11.69
N ILE F 127 11.42 11.59 -10.48
CA ILE F 127 12.34 10.86 -9.60
C ILE F 127 11.81 9.43 -9.49
N GLY F 128 12.49 8.48 -10.12
CA GLY F 128 11.95 7.12 -10.05
C GLY F 128 12.82 6.30 -9.13
N LEU F 129 12.41 6.14 -7.88
CA LEU F 129 13.19 5.40 -6.89
C LEU F 129 12.50 4.09 -6.56
N THR F 130 13.17 2.95 -6.73
CA THR F 130 12.53 1.69 -6.38
C THR F 130 13.44 0.96 -5.43
N PHE F 131 12.89 0.15 -4.53
CA PHE F 131 13.65 -0.55 -3.50
C PHE F 131 13.54 -2.05 -3.67
N LYS F 132 14.67 -2.73 -3.49
CA LYS F 132 14.73 -4.18 -3.60
C LYS F 132 15.57 -4.79 -2.50
N THR F 133 15.34 -6.07 -2.21
CA THR F 133 16.31 -6.77 -1.37
C THR F 133 17.11 -7.67 -2.34
N SER F 134 18.18 -8.27 -1.86
CA SER F 134 19.08 -9.01 -2.74
C SER F 134 18.75 -10.50 -2.74
N GLU F 135 17.71 -10.85 -1.99
CA GLU F 135 17.31 -12.25 -1.88
C GLU F 135 18.49 -13.13 -1.53
N GLY F 136 19.41 -12.61 -0.71
CA GLY F 136 20.49 -13.47 -0.25
C GLY F 136 21.74 -13.43 -1.08
N LEU F 137 21.66 -12.84 -2.28
CA LEU F 137 22.81 -12.67 -3.14
C LEU F 137 23.88 -11.76 -2.54
N ALA F 138 23.49 -10.64 -1.94
CA ALA F 138 24.41 -9.60 -1.49
C ALA F 138 23.99 -9.05 -0.14
N PRO F 139 24.01 -9.94 0.85
CA PRO F 139 23.46 -9.59 2.15
C PRO F 139 24.30 -8.60 2.91
N SER F 140 25.55 -8.35 2.51
CA SER F 140 26.32 -7.42 3.34
C SER F 140 26.72 -6.17 2.56
N HIS F 141 25.98 -5.83 1.52
CA HIS F 141 26.23 -4.68 0.69
C HIS F 141 24.94 -3.90 0.44
N VAL F 142 25.16 -2.61 0.17
CA VAL F 142 24.08 -1.81 -0.41
C VAL F 142 24.49 -1.62 -1.87
N GLN F 143 23.56 -1.69 -2.81
CA GLN F 143 23.84 -1.51 -4.22
C GLN F 143 22.90 -0.47 -4.81
N ALA F 144 23.40 0.33 -5.76
CA ALA F 144 22.55 1.25 -6.48
C ALA F 144 22.90 1.23 -7.96
N ARG F 145 21.87 1.34 -8.80
CA ARG F 145 22.09 1.47 -10.24
C ARG F 145 21.12 2.55 -10.70
N ALA F 146 21.61 3.47 -11.54
CA ALA F 146 20.82 4.64 -11.90
C ALA F 146 20.92 4.97 -13.38
N VAL F 147 19.79 5.43 -13.93
CA VAL F 147 19.78 6.00 -15.26
C VAL F 147 19.38 7.47 -15.21
N VAL F 148 20.04 8.33 -15.98
CA VAL F 148 19.55 9.71 -16.01
C VAL F 148 19.24 10.10 -17.46
N LEU F 149 18.32 11.04 -17.62
CA LEU F 149 17.95 11.55 -18.95
C LEU F 149 18.10 13.07 -18.94
N LEU F 150 18.76 13.64 -19.93
CA LEU F 150 19.01 15.09 -19.97
C LEU F 150 18.57 15.61 -21.33
N ASP F 151 18.03 16.82 -21.34
CA ASP F 151 17.52 17.51 -22.51
C ASP F 151 16.17 16.98 -22.98
MG MG G . -15.44 -8.42 25.36
MG MG H . -9.52 9.89 8.91
MG MG I . -30.38 12.20 23.27
MG MG J . 10.44 -10.18 -7.81
MG MG K . 30.92 -12.12 -22.55
MG MG L . 30.30 4.66 -3.44
#